data_5VZX
#
_entry.id   5VZX
#
_cell.length_a   129.703
_cell.length_b   129.703
_cell.length_c   80.679
_cell.angle_alpha   90.00
_cell.angle_beta   90.00
_cell.angle_gamma   120.00
#
_symmetry.space_group_name_H-M   'P 31'
#
loop_
_entity.id
_entity.type
_entity.pdbx_description
1 polymer 'Crenezumab Fab heavy chain'
2 polymer 'Crenezumab Fab light chain'
3 non-polymer 'SULFATE ION'
4 non-polymer '2-(N-MORPHOLINO)-ETHANESULFONIC ACID'
5 non-polymer '4-(2-HYDROXYETHYL)-1-PIPERAZINE ETHANESULFONIC ACID'
6 water water
#
loop_
_entity_poly.entity_id
_entity_poly.type
_entity_poly.pdbx_seq_one_letter_code
_entity_poly.pdbx_strand_id
1 'polypeptide(L)'
;EVQLVESGGGLVQPGGSLRLSCAASGFTFSSYGMSWVRQAPGKGLELVASINSNGGSTYYPDSVKGRFTISRDNAKNSLY
LQMNSLRAEDTAVYYCASGDYWGQGTTVTVSSASTKGPSVFPLAPSSKSTSGGTAALGCLVKDYFPEPVTVSWNSGALTS
GVHTFPAVLQSSGLYSLSSVVTVPSSSLGTQTYICNVNHKPSNTKVDKKVEPKSCDKTHT
;
H,E
2 'polypeptide(L)'
;DIVMTQSPLSLPVTPGEPASISCRSSQSLVYSNGDTYLHWYLQKPGQSPQLLIYKVSNRFSGVPDRFSGSGSGTDFTLKI
SRVEAEDVGVYYCSQSTHVPWTFGQGTKVEIKRTVAAPSVFIFPPSDEQLKSGTASVVCLLNNFYPREAKVQWKVDNALQ
SGNSQESVTEQDSKDSTYSLSSTLTLSKADYEKHKVYACEVTHQGLSSPVTKSFNRGEC
;
L,I
#
# COMPACT_ATOMS: atom_id res chain seq x y z
N GLU A 1 -16.38 7.26 -2.63
CA GLU A 1 -14.98 7.46 -2.95
C GLU A 1 -14.77 8.31 -4.20
N VAL A 2 -13.91 9.32 -4.11
CA VAL A 2 -13.60 10.17 -5.26
C VAL A 2 -12.44 9.63 -6.11
N GLN A 3 -12.67 9.49 -7.41
CA GLN A 3 -11.61 9.05 -8.31
C GLN A 3 -11.43 10.03 -9.47
N LEU A 4 -10.16 10.29 -9.78
CA LEU A 4 -9.76 11.02 -10.98
C LEU A 4 -8.73 10.19 -11.72
N VAL A 5 -9.06 9.74 -12.91
CA VAL A 5 -8.15 8.84 -13.61
C VAL A 5 -7.75 9.42 -14.96
N GLU A 6 -6.54 9.95 -15.03
CA GLU A 6 -5.98 10.45 -16.28
C GLU A 6 -5.64 9.30 -17.22
N SER A 7 -5.59 9.61 -18.51
CA SER A 7 -5.07 8.66 -19.49
C SER A 7 -4.72 9.41 -20.77
N GLY A 8 -3.94 8.77 -21.65
CA GLY A 8 -3.59 9.37 -22.93
C GLY A 8 -2.14 9.81 -23.03
N GLY A 9 -1.41 9.72 -21.92
CA GLY A 9 -0.01 10.11 -21.90
C GLY A 9 0.83 9.25 -22.82
N GLY A 10 2.08 9.65 -23.02
CA GLY A 10 2.97 8.91 -23.90
C GLY A 10 4.04 9.79 -24.52
N LEU A 11 4.70 9.25 -25.55
CA LEU A 11 5.79 9.95 -26.23
C LEU A 11 5.35 10.57 -27.55
N VAL A 12 5.70 11.82 -27.77
CA VAL A 12 5.41 12.50 -29.02
C VAL A 12 6.63 13.22 -29.55
N GLN A 13 6.79 13.16 -30.87
CA GLN A 13 7.78 13.97 -31.57
C GLN A 13 7.44 15.46 -31.40
N PRO A 14 8.46 16.33 -31.34
CA PRO A 14 8.21 17.78 -31.35
C PRO A 14 7.28 18.21 -32.48
N GLY A 15 6.42 19.19 -32.22
CA GLY A 15 5.47 19.66 -33.21
C GLY A 15 4.21 18.82 -33.25
N GLY A 16 4.33 17.58 -32.78
CA GLY A 16 3.24 16.63 -32.78
C GLY A 16 2.15 16.95 -31.78
N SER A 17 1.13 16.10 -31.72
CA SER A 17 0.00 16.36 -30.86
C SER A 17 -0.27 15.21 -29.91
N LEU A 18 -1.12 15.46 -28.92
CA LEU A 18 -1.53 14.43 -27.98
C LEU A 18 -2.80 14.86 -27.26
N ARG A 19 -3.70 13.90 -27.04
CA ARG A 19 -4.92 14.19 -26.30
C ARG A 19 -4.95 13.41 -24.98
N LEU A 20 -5.13 14.15 -23.88
CA LEU A 20 -5.24 13.55 -22.56
C LEU A 20 -6.69 13.52 -22.09
N SER A 21 -7.05 12.48 -21.33
CA SER A 21 -8.40 12.33 -20.82
C SER A 21 -8.39 12.12 -19.31
N CYS A 22 -9.44 12.58 -18.65
CA CYS A 22 -9.58 12.40 -17.21
C CYS A 22 -10.99 11.93 -16.88
N ALA A 23 -11.09 10.79 -16.22
CA ALA A 23 -12.39 10.25 -15.85
C ALA A 23 -12.62 10.46 -14.36
N ALA A 24 -13.76 11.03 -14.01
CA ALA A 24 -14.03 11.38 -12.63
C ALA A 24 -15.24 10.63 -12.10
N SER A 25 -15.24 10.37 -10.78
CA SER A 25 -16.34 9.71 -10.11
C SER A 25 -16.28 9.98 -8.61
N GLY A 26 -17.41 9.84 -7.93
CA GLY A 26 -17.48 10.01 -6.49
C GLY A 26 -17.84 11.41 -6.01
N PHE A 27 -18.12 12.31 -6.94
CA PHE A 27 -18.55 13.66 -6.58
C PHE A 27 -19.30 14.28 -7.74
N THR A 28 -20.01 15.38 -7.48
CA THR A 28 -20.81 16.01 -8.52
C THR A 28 -19.89 16.77 -9.48
N PHE A 29 -19.45 16.09 -10.53
CA PHE A 29 -18.42 16.61 -11.42
C PHE A 29 -18.82 17.92 -12.13
N SER A 30 -20.10 18.05 -12.45
CA SER A 30 -20.59 19.23 -13.19
C SER A 30 -20.54 20.48 -12.33
N SER A 31 -20.58 20.28 -11.02
CA SER A 31 -20.61 21.38 -10.07
C SER A 31 -19.23 21.94 -9.76
N TYR A 32 -18.20 21.50 -10.48
CA TYR A 32 -16.81 21.82 -10.15
C TYR A 32 -15.95 22.32 -11.30
N GLY A 33 -15.21 23.40 -11.06
CA GLY A 33 -14.18 23.82 -11.99
C GLY A 33 -13.08 22.77 -11.98
N MET A 34 -12.43 22.58 -13.12
CA MET A 34 -11.34 21.61 -13.23
C MET A 34 -10.10 22.25 -13.85
N SER A 35 -8.94 21.63 -13.64
CA SER A 35 -7.70 22.14 -14.23
C SER A 35 -6.73 21.02 -14.57
N TRP A 36 -5.84 21.30 -15.52
CA TRP A 36 -4.68 20.45 -15.73
C TRP A 36 -3.44 21.13 -15.14
N VAL A 37 -2.77 20.42 -14.24
CA VAL A 37 -1.52 20.89 -13.66
C VAL A 37 -0.40 19.94 -14.04
N ARG A 38 0.75 20.47 -14.44
CA ARG A 38 1.88 19.60 -14.76
C ARG A 38 3.05 19.80 -13.81
N GLN A 39 3.97 18.85 -13.85
CA GLN A 39 5.13 18.82 -12.95
C GLN A 39 6.27 18.01 -13.58
N ALA A 40 7.36 18.68 -13.96
CA ALA A 40 8.58 17.97 -14.33
C ALA A 40 9.23 17.45 -13.07
N PRO A 41 9.97 16.34 -13.17
CA PRO A 41 10.58 15.76 -11.97
C PRO A 41 11.49 16.75 -11.23
N GLY A 42 11.31 16.85 -9.91
CA GLY A 42 12.07 17.79 -9.12
C GLY A 42 11.42 19.18 -9.07
N LYS A 43 10.75 19.56 -10.15
CA LYS A 43 10.11 20.87 -10.25
C LYS A 43 8.83 20.93 -9.43
N GLY A 44 8.21 22.10 -9.39
CA GLY A 44 6.97 22.31 -8.66
C GLY A 44 5.74 22.21 -9.55
N LEU A 45 4.62 22.72 -9.06
CA LEU A 45 3.35 22.62 -9.77
C LEU A 45 3.11 23.78 -10.73
N GLU A 46 3.04 23.50 -12.02
CA GLU A 46 2.74 24.52 -13.03
C GLU A 46 1.34 24.33 -13.63
N LEU A 47 0.47 25.32 -13.46
CA LEU A 47 -0.86 25.26 -14.07
C LEU A 47 -0.77 25.31 -15.60
N VAL A 48 -1.48 24.40 -16.25
CA VAL A 48 -1.45 24.29 -17.70
C VAL A 48 -2.71 24.88 -18.31
N ALA A 49 -3.85 24.62 -17.68
CA ALA A 49 -5.12 25.14 -18.18
C ALA A 49 -6.23 24.91 -17.17
N SER A 50 -7.19 25.83 -17.15
CA SER A 50 -8.34 25.72 -16.27
C SER A 50 -9.62 25.93 -17.04
N ILE A 51 -10.67 25.25 -16.60
CA ILE A 51 -12.01 25.42 -17.18
C ILE A 51 -13.01 25.42 -16.03
N ASN A 52 -14.10 26.18 -16.17
CA ASN A 52 -15.02 26.33 -15.05
C ASN A 52 -16.16 25.30 -15.08
N SER A 53 -17.07 25.44 -14.13
CA SER A 53 -18.09 24.43 -13.84
C SER A 53 -18.92 23.99 -15.04
N ASN A 54 -19.64 24.94 -15.64
CA ASN A 54 -20.49 24.63 -16.79
C ASN A 54 -19.66 24.37 -18.04
N GLY A 55 -18.38 24.74 -18.00
CA GLY A 55 -17.48 24.50 -19.11
C GLY A 55 -17.52 25.59 -20.15
N GLY A 56 -17.75 26.83 -19.71
CA GLY A 56 -17.87 27.95 -20.62
C GLY A 56 -16.84 29.04 -20.41
N SER A 57 -15.82 28.77 -19.59
CA SER A 57 -14.74 29.72 -19.34
C SER A 57 -13.40 29.01 -19.16
N THR A 58 -12.44 29.33 -20.01
CA THR A 58 -11.13 28.70 -19.96
C THR A 58 -10.03 29.72 -19.68
N TYR A 59 -8.91 29.24 -19.13
CA TYR A 59 -7.72 30.06 -18.97
C TYR A 59 -6.47 29.27 -19.39
N TYR A 60 -5.52 29.98 -20.01
CA TYR A 60 -4.25 29.39 -20.40
C TYR A 60 -3.09 30.34 -20.10
N PRO A 61 -2.00 29.82 -19.52
CA PRO A 61 -0.75 30.57 -19.42
C PRO A 61 -0.19 30.82 -20.82
N ASP A 62 0.57 31.90 -20.99
CA ASP A 62 1.10 32.24 -22.31
C ASP A 62 2.01 31.14 -22.83
N SER A 63 2.55 30.35 -21.92
CA SER A 63 3.48 29.28 -22.26
C SER A 63 2.82 28.17 -23.07
N VAL A 64 1.49 28.08 -23.02
CA VAL A 64 0.77 27.05 -23.75
C VAL A 64 -0.43 27.61 -24.51
N LYS A 65 -0.70 28.90 -24.31
CA LYS A 65 -1.82 29.57 -24.96
C LYS A 65 -1.67 29.48 -26.48
N GLY A 66 -2.75 29.09 -27.14
CA GLY A 66 -2.73 28.90 -28.59
C GLY A 66 -2.40 27.47 -28.98
N ARG A 67 -1.79 26.74 -28.05
CA ARG A 67 -1.34 25.38 -28.34
C ARG A 67 -2.23 24.34 -27.69
N PHE A 68 -2.60 24.56 -26.43
CA PHE A 68 -3.40 23.57 -25.70
C PHE A 68 -4.86 24.01 -25.62
N THR A 69 -5.77 23.05 -25.53
CA THR A 69 -7.19 23.32 -25.43
C THR A 69 -7.86 22.46 -24.36
N ILE A 70 -8.36 23.09 -23.30
CA ILE A 70 -9.05 22.31 -22.28
C ILE A 70 -10.55 22.18 -22.60
N SER A 71 -10.97 20.94 -22.71
CA SER A 71 -12.32 20.58 -23.10
C SER A 71 -13.03 19.95 -21.91
N ARG A 72 -14.34 19.75 -22.01
CA ARG A 72 -15.12 19.20 -20.89
C ARG A 72 -16.40 18.52 -21.38
N ASP A 73 -16.77 17.43 -20.70
CA ASP A 73 -17.99 16.69 -21.03
C ASP A 73 -18.70 16.31 -19.73
N ASN A 74 -19.55 17.20 -19.24
CA ASN A 74 -20.19 16.98 -17.94
C ASN A 74 -21.10 15.75 -17.90
N ALA A 75 -21.41 15.21 -19.07
CA ALA A 75 -22.26 14.01 -19.16
C ALA A 75 -21.47 12.73 -18.90
N LYS A 76 -20.30 12.61 -19.52
CA LYS A 76 -19.43 11.45 -19.31
C LYS A 76 -18.53 11.63 -18.08
N ASN A 77 -18.74 12.74 -17.36
CA ASN A 77 -17.92 13.09 -16.20
C ASN A 77 -16.45 13.07 -16.55
N SER A 78 -16.12 13.69 -17.67
CA SER A 78 -14.77 13.63 -18.22
C SER A 78 -14.20 15.03 -18.47
N LEU A 79 -12.87 15.10 -18.55
CA LEU A 79 -12.17 16.34 -18.83
C LEU A 79 -11.04 16.06 -19.81
N TYR A 80 -10.88 16.91 -20.82
CA TYR A 80 -9.90 16.65 -21.85
C TYR A 80 -8.87 17.77 -22.00
N LEU A 81 -7.70 17.42 -22.53
CA LEU A 81 -6.71 18.41 -22.85
C LEU A 81 -6.08 18.07 -24.20
N GLN A 82 -6.37 18.91 -25.20
CA GLN A 82 -5.80 18.72 -26.52
C GLN A 82 -4.49 19.48 -26.61
N MET A 83 -3.39 18.75 -26.76
CA MET A 83 -2.07 19.36 -26.82
C MET A 83 -1.56 19.33 -28.24
N ASN A 84 -1.34 20.51 -28.81
CA ASN A 84 -0.82 20.65 -30.17
C ASN A 84 0.48 21.43 -30.17
N SER A 85 1.27 21.24 -31.21
CA SER A 85 2.56 21.91 -31.34
C SER A 85 3.39 21.68 -30.09
N LEU A 86 3.56 20.41 -29.72
CA LEU A 86 4.26 20.06 -28.49
C LEU A 86 5.74 20.41 -28.56
N ARG A 87 6.25 20.97 -27.47
CA ARG A 87 7.65 21.33 -27.37
C ARG A 87 8.34 20.41 -26.36
N ALA A 88 9.66 20.32 -26.44
CA ALA A 88 10.40 19.45 -25.55
C ALA A 88 10.26 19.87 -24.09
N GLU A 89 10.04 21.17 -23.86
CA GLU A 89 9.86 21.68 -22.50
C GLU A 89 8.50 21.32 -21.94
N ASP A 90 7.66 20.68 -22.75
CA ASP A 90 6.34 20.27 -22.28
C ASP A 90 6.42 18.93 -21.55
N THR A 91 7.59 18.30 -21.60
CA THR A 91 7.81 17.03 -20.93
C THR A 91 7.52 17.17 -19.44
N ALA A 92 6.54 16.40 -18.95
CA ALA A 92 6.11 16.46 -17.57
C ALA A 92 5.08 15.40 -17.23
N VAL A 93 4.80 15.25 -15.94
CA VAL A 93 3.63 14.53 -15.48
C VAL A 93 2.45 15.49 -15.44
N TYR A 94 1.37 15.13 -16.11
CA TYR A 94 0.18 15.98 -16.16
C TYR A 94 -0.91 15.46 -15.25
N TYR A 95 -1.33 16.29 -14.31
CA TYR A 95 -2.40 15.92 -13.38
C TYR A 95 -3.73 16.52 -13.75
N CYS A 96 -4.78 15.74 -13.48
CA CYS A 96 -6.16 16.21 -13.53
C CYS A 96 -6.53 16.62 -12.11
N ALA A 97 -7.08 17.82 -11.92
CA ALA A 97 -7.38 18.27 -10.56
C ALA A 97 -8.66 19.08 -10.41
N SER A 98 -9.29 18.94 -9.25
CA SER A 98 -10.56 19.61 -8.96
C SER A 98 -10.45 20.65 -7.86
N GLY A 99 -9.27 20.78 -7.28
CA GLY A 99 -9.11 21.61 -6.10
C GLY A 99 -9.02 20.74 -4.88
N ASP A 100 -10.05 19.92 -4.66
CA ASP A 100 -10.06 18.99 -3.53
C ASP A 100 -9.22 17.76 -3.78
N TYR A 101 -9.15 17.32 -5.04
CA TYR A 101 -8.51 16.05 -5.35
C TYR A 101 -7.67 16.10 -6.61
N TRP A 102 -6.63 15.27 -6.63
CA TRP A 102 -5.74 15.17 -7.77
C TRP A 102 -5.68 13.73 -8.29
N GLY A 103 -5.71 13.55 -9.60
CA GLY A 103 -5.42 12.23 -10.16
C GLY A 103 -3.98 11.79 -9.88
N GLN A 104 -3.63 10.59 -10.31
CA GLN A 104 -2.26 10.10 -10.15
C GLN A 104 -1.37 10.59 -11.28
N GLY A 105 -1.98 11.11 -12.33
CA GLY A 105 -1.24 11.80 -13.37
C GLY A 105 -0.85 10.91 -14.51
N THR A 106 -0.72 11.49 -15.69
CA THR A 106 -0.21 10.74 -16.82
C THR A 106 1.07 11.40 -17.35
N THR A 107 1.97 10.58 -17.88
CA THR A 107 3.30 11.04 -18.25
C THR A 107 3.42 11.39 -19.73
N VAL A 108 3.74 12.66 -19.99
CA VAL A 108 3.91 13.15 -21.35
C VAL A 108 5.36 13.53 -21.59
N THR A 109 5.97 12.95 -22.62
CA THR A 109 7.34 13.28 -22.95
C THR A 109 7.47 13.61 -24.45
N VAL A 110 8.14 14.72 -24.75
CA VAL A 110 8.27 15.23 -26.12
C VAL A 110 9.72 15.15 -26.56
N SER A 111 10.01 14.26 -27.52
CA SER A 111 11.38 14.05 -27.95
C SER A 111 11.47 13.38 -29.32
N SER A 112 12.55 13.66 -30.02
CA SER A 112 12.82 13.02 -31.29
C SER A 112 13.67 11.78 -31.07
N ALA A 113 13.05 10.77 -30.44
CA ALA A 113 13.72 9.50 -30.15
C ALA A 113 12.68 8.40 -30.01
N SER A 114 13.09 7.16 -30.26
CA SER A 114 12.15 6.04 -30.32
C SER A 114 11.91 5.40 -28.95
N THR A 115 10.88 4.58 -28.84
CA THR A 115 10.56 3.92 -27.58
C THR A 115 11.23 2.56 -27.49
N LYS A 116 12.00 2.35 -26.43
CA LYS A 116 12.65 1.07 -26.21
C LYS A 116 12.14 0.40 -24.93
N GLY A 117 11.99 -0.91 -25.00
CA GLY A 117 11.62 -1.70 -23.84
C GLY A 117 12.81 -1.93 -22.93
N PRO A 118 12.55 -2.16 -21.65
CA PRO A 118 13.67 -2.40 -20.72
C PRO A 118 14.21 -3.83 -20.78
N SER A 119 15.49 -3.97 -20.47
CA SER A 119 16.03 -5.26 -20.07
C SER A 119 15.95 -5.35 -18.55
N VAL A 120 15.72 -6.55 -18.04
CA VAL A 120 15.58 -6.72 -16.61
C VAL A 120 16.57 -7.76 -16.11
N PHE A 121 17.44 -7.35 -15.21
CA PHE A 121 18.49 -8.25 -14.75
C PHE A 121 18.40 -8.47 -13.26
N PRO A 122 18.66 -9.71 -12.83
CA PRO A 122 18.78 -10.07 -11.42
C PRO A 122 19.92 -9.36 -10.70
N LEU A 123 19.59 -8.79 -9.55
CA LEU A 123 20.59 -8.42 -8.58
C LEU A 123 20.55 -9.52 -7.52
N ALA A 124 21.27 -10.60 -7.81
CA ALA A 124 21.22 -11.80 -6.97
C ALA A 124 21.81 -11.58 -5.59
N PRO A 125 21.14 -12.13 -4.56
CA PRO A 125 21.57 -12.03 -3.17
C PRO A 125 22.63 -13.06 -2.84
N SER A 126 22.95 -13.18 -1.56
CA SER A 126 23.82 -14.24 -1.06
C SER A 126 23.79 -14.26 0.46
N SER A 127 23.90 -15.44 1.04
CA SER A 127 24.44 -15.55 2.39
C SER A 127 25.95 -15.46 2.14
N LYS A 128 26.69 -14.99 3.14
CA LYS A 128 28.10 -14.54 3.00
C LYS A 128 28.10 -13.06 2.60
N SER A 129 26.97 -12.60 2.07
CA SER A 129 26.78 -11.20 1.71
C SER A 129 25.70 -10.54 2.55
N THR A 130 25.68 -10.84 3.85
CA THR A 130 24.68 -10.28 4.76
C THR A 130 25.20 -9.04 5.48
N SER A 131 24.33 -8.03 5.63
CA SER A 131 24.69 -6.82 6.37
C SER A 131 23.85 -6.65 7.64
N GLY A 132 23.98 -7.62 8.55
CA GLY A 132 23.43 -7.55 9.90
C GLY A 132 22.09 -6.87 10.11
N GLY A 133 21.01 -7.64 10.06
CA GLY A 133 21.08 -9.06 9.75
C GLY A 133 20.18 -9.36 8.57
N THR A 134 20.30 -8.54 7.53
CA THR A 134 19.44 -8.65 6.37
C THR A 134 20.25 -9.05 5.14
N ALA A 135 19.58 -9.74 4.23
CA ALA A 135 20.12 -10.00 2.90
C ALA A 135 19.45 -9.03 1.96
N ALA A 136 20.07 -8.75 0.82
CA ALA A 136 19.50 -7.80 -0.12
C ALA A 136 19.47 -8.41 -1.51
N LEU A 137 18.42 -8.13 -2.26
CA LEU A 137 18.31 -8.63 -3.61
C LEU A 137 17.49 -7.64 -4.41
N GLY A 138 17.49 -7.80 -5.73
CA GLY A 138 16.82 -6.80 -6.55
C GLY A 138 16.73 -7.14 -8.02
N CYS A 139 16.38 -6.12 -8.80
CA CYS A 139 16.23 -6.23 -10.24
C CYS A 139 16.73 -4.95 -10.84
N LEU A 140 17.51 -5.08 -11.91
CA LEU A 140 18.01 -3.92 -12.62
C LEU A 140 17.19 -3.74 -13.89
N VAL A 141 16.57 -2.58 -14.02
CA VAL A 141 15.63 -2.30 -15.10
C VAL A 141 16.27 -1.28 -16.00
N LYS A 142 16.82 -1.74 -17.11
CA LYS A 142 17.80 -0.94 -17.84
C LYS A 142 17.44 -0.66 -19.31
N ASP A 143 17.78 0.56 -19.74
CA ASP A 143 17.75 0.96 -21.14
C ASP A 143 16.35 0.99 -21.72
N TYR A 144 15.44 1.65 -21.01
CA TYR A 144 14.08 1.84 -21.51
C TYR A 144 13.84 3.33 -21.72
N PHE A 145 12.83 3.62 -22.54
CA PHE A 145 12.42 4.98 -22.85
C PHE A 145 11.07 4.92 -23.57
N PRO A 146 10.12 5.79 -23.19
CA PRO A 146 10.25 6.78 -22.13
C PRO A 146 9.69 6.25 -20.82
N GLU A 147 9.64 7.12 -19.82
CA GLU A 147 8.96 6.83 -18.57
C GLU A 147 7.49 6.65 -18.87
N PRO A 148 6.75 5.95 -17.99
CA PRO A 148 7.18 5.27 -16.77
C PRO A 148 7.27 3.77 -16.90
N VAL A 149 7.81 3.16 -15.86
CA VAL A 149 7.83 1.72 -15.73
C VAL A 149 7.19 1.40 -14.38
N THR A 150 6.51 0.26 -14.30
CA THR A 150 5.95 -0.23 -13.04
C THR A 150 6.77 -1.40 -12.51
N VAL A 151 7.11 -1.35 -11.24
CA VAL A 151 7.83 -2.47 -10.63
C VAL A 151 7.17 -2.90 -9.36
N SER A 152 6.88 -4.19 -9.26
CA SER A 152 6.41 -4.77 -8.01
C SER A 152 7.16 -6.07 -7.71
N TRP A 153 7.04 -6.52 -6.47
CA TRP A 153 7.66 -7.77 -6.07
C TRP A 153 6.61 -8.79 -5.67
N ASN A 154 6.71 -9.97 -6.27
CA ASN A 154 5.78 -11.07 -6.03
C ASN A 154 4.33 -10.65 -6.28
N SER A 155 4.08 -10.10 -7.46
CA SER A 155 2.73 -9.67 -7.85
C SER A 155 2.07 -8.73 -6.83
N GLY A 156 2.86 -8.02 -6.04
CA GLY A 156 2.33 -7.08 -5.08
C GLY A 156 2.26 -7.64 -3.68
N ALA A 157 2.51 -8.95 -3.57
CA ALA A 157 2.42 -9.61 -2.27
C ALA A 157 3.61 -9.25 -1.37
N LEU A 158 4.72 -8.85 -1.97
CA LEU A 158 5.90 -8.40 -1.20
C LEU A 158 6.08 -6.89 -1.34
N THR A 159 6.03 -6.18 -0.22
CA THR A 159 6.07 -4.71 -0.25
C THR A 159 6.94 -4.15 0.85
N SER A 160 7.01 -4.87 1.97
CA SER A 160 7.83 -4.45 3.08
C SER A 160 9.29 -4.72 2.74
N GLY A 161 10.16 -3.76 3.06
CA GLY A 161 11.57 -3.88 2.77
C GLY A 161 11.93 -3.54 1.32
N VAL A 162 10.96 -3.02 0.57
CA VAL A 162 11.17 -2.72 -0.84
C VAL A 162 11.60 -1.25 -1.05
N HIS A 163 12.55 -1.05 -1.96
CA HIS A 163 12.89 0.29 -2.42
C HIS A 163 13.04 0.27 -3.93
N THR A 164 12.24 1.09 -4.60
CA THR A 164 12.36 1.23 -6.02
C THR A 164 12.89 2.61 -6.30
N PHE A 165 14.11 2.68 -6.83
CA PHE A 165 14.78 3.96 -6.98
C PHE A 165 14.19 4.76 -8.12
N PRO A 166 14.26 6.09 -8.01
CA PRO A 166 13.93 6.96 -9.15
C PRO A 166 14.77 6.60 -10.37
N ALA A 167 14.13 6.59 -11.53
CA ALA A 167 14.85 6.39 -12.78
C ALA A 167 15.90 7.46 -12.96
N VAL A 168 16.97 7.10 -13.63
CA VAL A 168 18.00 8.07 -14.00
C VAL A 168 18.28 7.97 -15.49
N LEU A 169 18.35 9.12 -16.15
CA LEU A 169 18.74 9.14 -17.56
C LEU A 169 20.23 8.87 -17.71
N GLN A 170 20.56 7.87 -18.51
CA GLN A 170 21.94 7.60 -18.84
C GLN A 170 22.38 8.50 -20.00
N SER A 171 23.68 8.61 -20.21
CA SER A 171 24.20 9.44 -21.29
C SER A 171 23.70 8.96 -22.65
N SER A 172 23.21 7.73 -22.70
CA SER A 172 22.59 7.17 -23.90
C SER A 172 21.21 7.76 -24.13
N GLY A 173 20.67 8.48 -23.15
CA GLY A 173 19.35 9.05 -23.27
C GLY A 173 18.26 8.06 -22.92
N LEU A 174 18.67 6.91 -22.40
CA LEU A 174 17.77 5.87 -21.96
C LEU A 174 17.72 5.84 -20.44
N TYR A 175 16.55 5.53 -19.89
CA TYR A 175 16.41 5.44 -18.44
C TYR A 175 16.94 4.12 -17.90
N SER A 176 17.22 4.12 -16.60
CA SER A 176 17.61 2.91 -15.91
C SER A 176 17.32 3.09 -14.44
N LEU A 177 16.93 2.00 -13.77
CA LEU A 177 16.79 2.04 -12.32
C LEU A 177 16.94 0.65 -11.75
N SER A 178 17.05 0.61 -10.42
CA SER A 178 17.06 -0.64 -9.71
C SER A 178 15.92 -0.65 -8.70
N SER A 179 15.35 -1.84 -8.51
CA SER A 179 14.39 -2.04 -7.44
C SER A 179 14.97 -3.12 -6.55
N VAL A 180 15.04 -2.85 -5.27
CA VAL A 180 15.69 -3.78 -4.34
C VAL A 180 14.77 -4.11 -3.19
N VAL A 181 15.08 -5.19 -2.50
CA VAL A 181 14.35 -5.59 -1.32
C VAL A 181 15.30 -6.26 -0.33
N THR A 182 15.16 -5.92 0.95
CA THR A 182 15.94 -6.57 1.98
C THR A 182 15.04 -7.44 2.84
N VAL A 183 15.55 -8.61 3.19
CA VAL A 183 14.83 -9.57 4.00
C VAL A 183 15.77 -10.06 5.09
N PRO A 184 15.24 -10.50 6.23
CA PRO A 184 16.14 -11.08 7.24
C PRO A 184 16.92 -12.25 6.64
N SER A 185 18.22 -12.33 6.95
CA SER A 185 19.13 -13.32 6.34
C SER A 185 18.57 -14.73 6.28
N SER A 186 18.00 -15.21 7.38
CA SER A 186 17.54 -16.59 7.48
C SER A 186 16.32 -16.88 6.61
N SER A 187 15.59 -15.85 6.19
CA SER A 187 14.38 -16.07 5.41
C SER A 187 14.69 -16.23 3.92
N LEU A 188 15.97 -16.18 3.56
CA LEU A 188 16.38 -16.26 2.16
C LEU A 188 15.95 -17.55 1.46
N GLY A 189 16.12 -18.69 2.13
CA GLY A 189 15.69 -19.93 1.53
C GLY A 189 14.18 -20.08 1.47
N THR A 190 13.50 -19.54 2.48
CA THR A 190 12.10 -19.85 2.76
C THR A 190 11.10 -19.36 1.72
N GLN A 191 11.53 -18.47 0.82
CA GLN A 191 10.59 -17.89 -0.13
C GLN A 191 11.25 -17.64 -1.49
N THR A 192 10.44 -17.54 -2.53
CA THR A 192 10.94 -17.16 -3.84
C THR A 192 10.65 -15.68 -4.10
N TYR A 193 11.43 -15.07 -4.98
CA TYR A 193 11.37 -13.62 -5.20
C TYR A 193 11.30 -13.32 -6.68
N ILE A 194 10.21 -12.69 -7.10
CA ILE A 194 10.06 -12.31 -8.50
C ILE A 194 9.80 -10.82 -8.62
N CYS A 195 10.52 -10.15 -9.49
CA CYS A 195 10.17 -8.76 -9.75
C CYS A 195 9.26 -8.67 -10.98
N ASN A 196 8.24 -7.84 -10.86
CA ASN A 196 7.25 -7.67 -11.92
C ASN A 196 7.44 -6.32 -12.58
N VAL A 197 7.95 -6.32 -13.80
CA VAL A 197 8.29 -5.09 -14.48
C VAL A 197 7.36 -4.83 -15.65
N ASN A 198 6.69 -3.69 -15.63
CA ASN A 198 5.79 -3.32 -16.71
C ASN A 198 6.17 -1.98 -17.35
N HIS A 199 6.36 -1.99 -18.66
CA HIS A 199 6.66 -0.77 -19.40
C HIS A 199 5.68 -0.63 -20.56
N LYS A 200 4.52 -0.07 -20.27
CA LYS A 200 3.45 0.08 -21.28
C LYS A 200 3.90 0.66 -22.63
N PRO A 201 4.65 1.79 -22.64
CA PRO A 201 4.95 2.43 -23.93
C PRO A 201 5.58 1.52 -25.00
N SER A 202 6.17 0.41 -24.58
CA SER A 202 6.77 -0.53 -25.51
C SER A 202 6.10 -1.88 -25.41
N ASN A 203 5.05 -1.94 -24.60
CA ASN A 203 4.39 -3.20 -24.27
C ASN A 203 5.37 -4.28 -23.83
N THR A 204 6.09 -4.00 -22.74
CA THR A 204 7.00 -4.97 -22.18
C THR A 204 6.56 -5.35 -20.77
N LYS A 205 6.25 -6.63 -20.58
CA LYS A 205 6.04 -7.17 -19.24
C LYS A 205 7.04 -8.29 -18.99
N VAL A 206 7.85 -8.12 -17.96
CA VAL A 206 8.82 -9.13 -17.57
C VAL A 206 8.59 -9.54 -16.11
N ASP A 207 8.67 -10.85 -15.86
CA ASP A 207 8.67 -11.34 -14.49
C ASP A 207 9.94 -12.16 -14.27
N LYS A 208 10.95 -11.52 -13.68
CA LYS A 208 12.25 -12.16 -13.47
C LYS A 208 12.37 -12.75 -12.07
N LYS A 209 12.67 -14.05 -12.00
CA LYS A 209 12.91 -14.70 -10.72
C LYS A 209 14.35 -14.38 -10.28
N VAL A 210 14.54 -14.14 -8.99
CA VAL A 210 15.85 -13.77 -8.47
C VAL A 210 16.34 -14.75 -7.42
N GLU A 211 17.43 -15.44 -7.73
CA GLU A 211 17.97 -16.51 -6.91
C GLU A 211 19.42 -16.29 -6.54
N PRO A 212 19.83 -16.79 -5.36
CA PRO A 212 21.18 -16.78 -4.75
C PRO A 212 22.40 -17.13 -5.64
N LYS A 213 22.20 -17.91 -6.71
CA LYS A 213 23.25 -18.19 -7.74
C LYS A 213 24.30 -19.27 -7.37
N SER A 214 24.55 -19.48 -6.08
CA SER A 214 25.54 -20.45 -5.59
C SER A 214 26.94 -20.19 -6.16
N ASP B 1 -0.59 37.66 -12.38
CA ASP B 1 -1.12 36.63 -11.50
C ASP B 1 -0.76 36.90 -10.05
N ILE B 2 -1.52 36.33 -9.12
CA ILE B 2 -1.21 36.47 -7.71
C ILE B 2 -0.04 35.57 -7.35
N VAL B 3 1.10 36.18 -7.01
CA VAL B 3 2.30 35.40 -6.70
C VAL B 3 2.30 34.94 -5.25
N MET B 4 2.55 33.64 -5.08
CA MET B 4 2.60 33.01 -3.77
C MET B 4 4.04 32.70 -3.37
N THR B 5 4.45 33.21 -2.21
CA THR B 5 5.84 33.06 -1.77
C THR B 5 5.93 32.38 -0.40
N GLN B 6 6.63 31.26 -0.35
CA GLN B 6 6.69 30.47 0.88
C GLN B 6 8.05 30.62 1.57
N SER B 7 8.03 30.48 2.89
CA SER B 7 9.25 30.52 3.68
C SER B 7 9.15 29.63 4.94
N PRO B 8 10.14 28.75 5.14
CA PRO B 8 11.29 28.52 4.27
C PRO B 8 10.94 27.56 3.14
N LEU B 9 11.93 27.18 2.35
CA LEU B 9 11.71 26.20 1.29
C LEU B 9 12.25 24.83 1.72
N SER B 10 13.16 24.83 2.69
CA SER B 10 13.66 23.59 3.29
C SER B 10 13.45 23.64 4.79
N LEU B 11 12.72 22.67 5.32
CA LEU B 11 12.36 22.73 6.73
C LEU B 11 12.73 21.44 7.46
N PRO B 12 13.94 21.41 8.02
CA PRO B 12 14.41 20.28 8.83
C PRO B 12 13.78 20.34 10.21
N VAL B 13 13.16 19.25 10.65
CA VAL B 13 12.47 19.23 11.94
C VAL B 13 12.74 17.92 12.68
N THR B 14 13.18 18.02 13.93
CA THR B 14 13.27 16.84 14.78
C THR B 14 11.85 16.41 15.09
N PRO B 15 11.56 15.10 14.95
CA PRO B 15 10.16 14.66 15.11
C PRO B 15 9.64 14.93 16.51
N GLY B 16 8.35 15.25 16.61
CA GLY B 16 7.75 15.63 17.87
C GLY B 16 7.84 17.13 18.10
N GLU B 17 8.76 17.78 17.40
CA GLU B 17 8.94 19.22 17.50
C GLU B 17 8.00 19.94 16.52
N PRO B 18 7.65 21.20 16.83
CA PRO B 18 6.73 21.93 15.95
C PRO B 18 7.39 22.44 14.67
N ALA B 19 6.56 22.83 13.71
CA ALA B 19 7.05 23.35 12.44
C ALA B 19 6.09 24.42 11.92
N SER B 20 6.66 25.46 11.31
CA SER B 20 5.85 26.56 10.76
C SER B 20 6.26 26.91 9.33
N ILE B 21 5.28 27.09 8.45
CA ILE B 21 5.57 27.58 7.11
C ILE B 21 4.82 28.89 6.87
N SER B 22 5.53 29.87 6.34
CA SER B 22 4.92 31.15 6.00
C SER B 22 4.58 31.22 4.52
N CYS B 23 3.42 31.80 4.22
CA CYS B 23 3.02 32.02 2.84
C CYS B 23 2.60 33.47 2.65
N ARG B 24 3.22 34.16 1.71
CA ARG B 24 2.84 35.53 1.40
C ARG B 24 2.29 35.60 -0.02
N SER B 25 1.21 36.37 -0.19
CA SER B 25 0.60 36.54 -1.50
C SER B 25 0.86 37.95 -2.00
N SER B 26 1.09 38.10 -3.29
CA SER B 26 1.44 39.40 -3.86
C SER B 26 0.25 40.37 -3.89
N GLN B 27 -0.85 39.95 -3.29
CA GLN B 27 -2.12 40.64 -3.41
C GLN B 27 -3.09 39.99 -2.44
N SER B 28 -4.04 40.77 -1.92
CA SER B 28 -5.00 40.25 -0.94
C SER B 28 -5.81 39.09 -1.50
N LEU B 29 -6.04 38.08 -0.67
CA LEU B 29 -6.76 36.88 -1.09
C LEU B 29 -8.22 36.88 -0.64
N VAL B 30 -8.69 38.01 -0.13
CA VAL B 30 -10.10 38.14 0.24
C VAL B 30 -10.96 38.27 -1.02
N TYR B 31 -11.87 37.34 -1.21
CA TYR B 31 -12.79 37.38 -2.35
C TYR B 31 -13.95 38.34 -2.06
N SER B 32 -14.70 38.68 -3.11
CA SER B 32 -15.75 39.69 -3.00
C SER B 32 -16.91 39.27 -2.10
N ASN B 33 -16.95 38.00 -1.70
CA ASN B 33 -17.99 37.55 -0.79
C ASN B 33 -17.51 37.52 0.66
N GLY B 34 -16.30 38.03 0.88
CA GLY B 34 -15.74 38.10 2.22
C GLY B 34 -14.92 36.89 2.63
N ASP B 35 -14.85 35.87 1.79
CA ASP B 35 -14.06 34.68 2.11
C ASP B 35 -12.67 34.71 1.51
N THR B 36 -11.78 33.88 2.05
CA THR B 36 -10.38 33.91 1.69
C THR B 36 -9.93 32.54 1.20
N TYR B 37 -9.64 32.44 -0.09
CA TYR B 37 -9.40 31.15 -0.71
C TYR B 37 -7.90 30.89 -0.78
N LEU B 38 -7.33 30.77 0.42
CA LEU B 38 -5.97 30.34 0.61
C LEU B 38 -6.01 28.87 1.06
N HIS B 39 -5.22 28.01 0.41
CA HIS B 39 -5.24 26.59 0.71
C HIS B 39 -3.83 26.03 0.93
N TRP B 40 -3.73 24.87 1.56
CA TRP B 40 -2.46 24.16 1.72
C TRP B 40 -2.55 22.75 1.17
N TYR B 41 -1.62 22.38 0.31
CA TYR B 41 -1.55 21.03 -0.21
C TYR B 41 -0.28 20.32 0.25
N LEU B 42 -0.34 19.00 0.33
CA LEU B 42 0.82 18.20 0.69
C LEU B 42 1.01 17.12 -0.36
N GLN B 43 2.21 17.04 -0.88
CA GLN B 43 2.56 15.98 -1.81
C GLN B 43 3.56 15.07 -1.12
N LYS B 44 3.09 13.91 -0.69
CA LYS B 44 3.96 12.94 -0.03
C LYS B 44 4.81 12.26 -1.10
N PRO B 45 5.98 11.73 -0.71
CA PRO B 45 6.83 11.00 -1.65
C PRO B 45 6.08 9.93 -2.44
N GLY B 46 6.06 10.06 -3.77
CA GLY B 46 5.49 9.03 -4.62
C GLY B 46 4.02 9.23 -4.96
N GLN B 47 3.47 10.37 -4.53
CA GLN B 47 2.04 10.59 -4.58
C GLN B 47 1.69 11.91 -5.23
N SER B 48 0.44 12.04 -5.65
CA SER B 48 -0.13 13.30 -6.11
C SER B 48 -0.28 14.26 -4.94
N PRO B 49 -0.43 15.56 -5.21
CA PRO B 49 -0.79 16.47 -4.13
C PRO B 49 -2.11 16.08 -3.47
N GLN B 50 -2.24 16.31 -2.17
CA GLN B 50 -3.53 16.14 -1.50
C GLN B 50 -3.90 17.41 -0.74
N LEU B 51 -5.20 17.64 -0.58
CA LEU B 51 -5.67 18.83 0.13
C LEU B 51 -5.55 18.65 1.64
N LEU B 52 -4.90 19.61 2.29
CA LEU B 52 -4.67 19.56 3.73
C LEU B 52 -5.57 20.55 4.46
N ILE B 53 -5.44 21.82 4.08
CA ILE B 53 -6.23 22.90 4.65
C ILE B 53 -6.88 23.72 3.54
N TYR B 54 -8.17 23.98 3.64
CA TYR B 54 -8.83 24.85 2.66
C TYR B 54 -9.39 26.11 3.34
N LYS B 55 -9.33 27.23 2.62
CA LYS B 55 -9.80 28.52 3.13
C LYS B 55 -9.16 28.84 4.49
N VAL B 56 -7.85 29.05 4.44
CA VAL B 56 -7.04 29.48 5.57
C VAL B 56 -6.91 28.48 6.72
N SER B 57 -8.01 27.95 7.23
CA SER B 57 -7.96 27.22 8.50
C SER B 57 -8.83 25.97 8.60
N ASN B 58 -9.51 25.60 7.53
CA ASN B 58 -10.36 24.41 7.58
C ASN B 58 -9.59 23.14 7.28
N ARG B 59 -9.65 22.20 8.20
CA ARG B 59 -9.00 20.92 7.99
C ARG B 59 -9.85 20.08 7.04
N PHE B 60 -9.22 19.60 5.99
CA PHE B 60 -9.91 18.72 5.03
C PHE B 60 -10.19 17.37 5.68
N SER B 61 -10.99 16.55 5.02
CA SER B 61 -11.37 15.25 5.56
C SER B 61 -10.16 14.36 5.77
N GLY B 62 -10.08 13.75 6.95
CA GLY B 62 -8.98 12.85 7.27
C GLY B 62 -7.77 13.54 7.86
N VAL B 63 -7.78 14.87 7.89
CA VAL B 63 -6.64 15.64 8.34
C VAL B 63 -6.65 15.84 9.85
N PRO B 64 -5.58 15.41 10.54
CA PRO B 64 -5.47 15.49 12.00
C PRO B 64 -5.32 16.93 12.51
N ASP B 65 -5.48 17.11 13.83
CA ASP B 65 -5.48 18.44 14.42
C ASP B 65 -4.11 19.08 14.50
N ARG B 66 -3.06 18.28 14.30
CA ARG B 66 -1.72 18.82 14.44
C ARG B 66 -1.44 19.80 13.31
N PHE B 67 -2.19 19.69 12.22
CA PHE B 67 -2.15 20.66 11.15
C PHE B 67 -3.15 21.76 11.40
N SER B 68 -2.67 22.99 11.57
CA SER B 68 -3.56 24.12 11.72
C SER B 68 -3.08 25.28 10.85
N GLY B 69 -4.03 25.95 10.21
CA GLY B 69 -3.70 27.07 9.36
C GLY B 69 -4.28 28.35 9.92
N SER B 70 -3.56 29.45 9.72
CA SER B 70 -4.02 30.75 10.19
C SER B 70 -3.55 31.84 9.24
N GLY B 71 -3.92 33.08 9.55
CA GLY B 71 -3.53 34.22 8.74
C GLY B 71 -4.70 34.92 8.08
N SER B 72 -4.41 36.06 7.47
CA SER B 72 -5.41 36.85 6.75
C SER B 72 -4.75 37.82 5.78
N GLY B 73 -5.50 38.21 4.74
CA GLY B 73 -5.01 39.19 3.79
C GLY B 73 -3.96 38.67 2.84
N THR B 74 -2.69 38.90 3.17
CA THR B 74 -1.58 38.45 2.33
C THR B 74 -0.57 37.61 3.10
N ASP B 75 -0.80 37.38 4.40
CA ASP B 75 0.15 36.63 5.19
C ASP B 75 -0.50 35.48 5.95
N PHE B 76 -0.02 34.27 5.67
CA PHE B 76 -0.63 33.07 6.19
C PHE B 76 0.41 32.11 6.76
N THR B 77 -0.04 31.24 7.67
CA THR B 77 0.85 30.29 8.31
C THR B 77 0.24 28.91 8.47
N LEU B 78 0.97 27.89 8.02
CA LEU B 78 0.64 26.51 8.35
C LEU B 78 1.50 26.07 9.53
N LYS B 79 0.87 25.53 10.56
CA LYS B 79 1.61 25.03 11.73
C LYS B 79 1.36 23.54 11.93
N ILE B 80 2.45 22.81 12.15
CA ILE B 80 2.36 21.42 12.55
C ILE B 80 2.88 21.32 13.97
N SER B 81 1.99 20.98 14.91
CA SER B 81 2.36 21.03 16.32
C SER B 81 3.41 19.97 16.69
N ARG B 82 3.24 18.77 16.15
CA ARG B 82 4.20 17.70 16.36
C ARG B 82 4.43 16.97 15.06
N VAL B 83 5.53 17.26 14.38
CA VAL B 83 5.80 16.62 13.10
C VAL B 83 6.04 15.12 13.25
N GLU B 84 5.17 14.34 12.64
CA GLU B 84 5.28 12.91 12.64
C GLU B 84 6.02 12.46 11.39
N ALA B 85 6.59 11.27 11.40
CA ALA B 85 7.38 10.77 10.28
C ALA B 85 6.57 10.74 8.99
N GLU B 86 5.28 10.46 9.11
CA GLU B 86 4.41 10.34 7.94
C GLU B 86 4.11 11.71 7.33
N ASP B 87 4.42 12.80 8.05
CA ASP B 87 4.18 14.15 7.53
C ASP B 87 5.24 14.62 6.53
N VAL B 88 6.26 13.79 6.29
CA VAL B 88 7.33 14.17 5.38
C VAL B 88 6.78 14.37 3.97
N GLY B 89 7.31 15.34 3.24
CA GLY B 89 6.83 15.66 1.91
C GLY B 89 6.95 17.14 1.60
N VAL B 90 6.42 17.57 0.47
CA VAL B 90 6.48 18.99 0.11
C VAL B 90 5.13 19.67 0.30
N TYR B 91 5.15 20.80 1.00
CA TYR B 91 3.94 21.57 1.29
C TYR B 91 3.82 22.77 0.36
N TYR B 92 2.64 22.92 -0.27
CA TYR B 92 2.37 24.07 -1.12
C TYR B 92 1.21 24.90 -0.59
N CYS B 93 1.41 26.20 -0.45
CA CYS B 93 0.27 27.06 -0.22
C CYS B 93 -0.27 27.48 -1.58
N SER B 94 -1.54 27.84 -1.65
CA SER B 94 -2.19 28.05 -2.93
C SER B 94 -3.39 28.99 -2.82
N GLN B 95 -3.62 29.78 -3.86
CA GLN B 95 -4.78 30.67 -3.90
C GLN B 95 -5.69 30.34 -5.08
N SER B 96 -6.99 30.44 -4.84
CA SER B 96 -8.00 30.24 -5.88
C SER B 96 -9.00 31.39 -5.86
N THR B 97 -8.60 32.47 -5.20
CA THR B 97 -9.41 33.68 -5.14
C THR B 97 -9.60 34.26 -6.53
N HIS B 98 -8.53 34.31 -7.30
CA HIS B 98 -8.59 34.82 -8.66
C HIS B 98 -7.93 33.89 -9.65
N VAL B 99 -8.47 33.86 -10.87
CA VAL B 99 -7.86 33.13 -11.96
C VAL B 99 -6.62 33.89 -12.40
N PRO B 100 -5.51 33.19 -12.65
CA PRO B 100 -5.32 31.73 -12.55
C PRO B 100 -5.04 31.21 -11.14
N TRP B 101 -5.48 29.97 -10.88
CA TRP B 101 -5.04 29.17 -9.75
C TRP B 101 -3.51 29.22 -9.68
N THR B 102 -2.95 29.61 -8.54
CA THR B 102 -1.49 29.65 -8.43
C THR B 102 -0.99 28.91 -7.19
N PHE B 103 0.30 28.57 -7.21
CA PHE B 103 0.91 27.78 -6.15
C PHE B 103 2.22 28.39 -5.68
N GLY B 104 2.56 28.17 -4.41
CA GLY B 104 3.86 28.52 -3.90
C GLY B 104 4.92 27.61 -4.49
N GLN B 105 6.18 27.91 -4.21
CA GLN B 105 7.28 27.12 -4.76
C GLN B 105 7.32 25.74 -4.10
N GLY B 106 6.78 25.66 -2.89
CA GLY B 106 6.75 24.42 -2.15
C GLY B 106 7.84 24.35 -1.09
N THR B 107 7.47 23.92 0.10
CA THR B 107 8.41 23.73 1.20
C THR B 107 8.63 22.24 1.43
N LYS B 108 9.89 21.81 1.43
CA LYS B 108 10.16 20.40 1.67
C LYS B 108 10.50 20.15 3.12
N VAL B 109 9.57 19.51 3.83
CA VAL B 109 9.79 19.17 5.22
C VAL B 109 10.64 17.91 5.33
N GLU B 110 11.73 17.98 6.09
CA GLU B 110 12.58 16.83 6.33
C GLU B 110 12.60 16.46 7.80
N ILE B 111 12.48 15.17 8.10
CA ILE B 111 12.53 14.71 9.49
C ILE B 111 13.96 14.56 9.96
N LYS B 112 14.30 15.22 11.08
CA LYS B 112 15.64 15.11 11.64
C LYS B 112 15.72 13.98 12.66
N ARG B 113 15.76 12.75 12.15
CA ARG B 113 15.83 11.58 13.02
C ARG B 113 17.26 11.30 13.47
N THR B 114 17.43 10.27 14.29
CA THR B 114 18.75 9.90 14.76
C THR B 114 19.61 9.42 13.59
N VAL B 115 20.92 9.49 13.75
CA VAL B 115 21.84 9.03 12.74
C VAL B 115 21.63 7.53 12.57
N ALA B 116 21.74 7.06 11.33
CA ALA B 116 21.64 5.64 11.04
C ALA B 116 22.59 5.31 9.91
N ALA B 117 23.43 4.30 10.13
CA ALA B 117 24.44 3.95 9.14
C ALA B 117 23.81 3.09 8.06
N PRO B 118 24.32 3.22 6.83
CA PRO B 118 23.79 2.38 5.76
C PRO B 118 24.27 0.93 5.85
N SER B 119 23.38 0.00 5.52
CA SER B 119 23.79 -1.34 5.17
C SER B 119 24.25 -1.34 3.70
N VAL B 120 25.39 -1.93 3.44
CA VAL B 120 25.94 -1.86 2.10
C VAL B 120 25.98 -3.24 1.46
N PHE B 121 25.62 -3.30 0.18
CA PHE B 121 25.66 -4.53 -0.60
C PHE B 121 26.21 -4.20 -1.97
N ILE B 122 27.02 -5.09 -2.53
CA ILE B 122 27.49 -4.91 -3.89
C ILE B 122 26.94 -6.05 -4.74
N PHE B 123 26.50 -5.73 -5.96
CA PHE B 123 25.99 -6.76 -6.84
C PHE B 123 26.80 -6.80 -8.12
N PRO B 124 27.34 -7.97 -8.46
CA PRO B 124 28.03 -8.12 -9.73
C PRO B 124 27.04 -8.06 -10.88
N PRO B 125 27.53 -7.93 -12.12
CA PRO B 125 26.58 -8.00 -13.22
C PRO B 125 26.18 -9.44 -13.48
N SER B 126 24.91 -9.65 -13.85
CA SER B 126 24.42 -10.98 -14.18
C SER B 126 25.14 -11.49 -15.40
N ASP B 127 25.24 -12.81 -15.52
CA ASP B 127 25.83 -13.40 -16.71
C ASP B 127 24.95 -13.06 -17.90
N GLU B 128 23.65 -12.91 -17.65
CA GLU B 128 22.71 -12.59 -18.70
C GLU B 128 23.04 -11.24 -19.36
N GLN B 129 23.25 -10.21 -18.53
CA GLN B 129 23.59 -8.89 -19.07
C GLN B 129 24.91 -8.93 -19.85
N LEU B 130 25.84 -9.76 -19.39
CA LEU B 130 27.16 -9.83 -20.00
C LEU B 130 27.12 -10.35 -21.43
N LYS B 131 26.05 -11.09 -21.76
CA LYS B 131 25.79 -11.47 -23.14
C LYS B 131 25.63 -10.23 -24.01
N SER B 132 24.96 -9.22 -23.47
CA SER B 132 24.61 -8.03 -24.24
C SER B 132 25.81 -7.14 -24.59
N GLY B 133 26.91 -7.31 -23.86
CA GLY B 133 28.11 -6.53 -24.13
C GLY B 133 28.42 -5.47 -23.09
N THR B 134 27.47 -5.22 -22.19
CA THR B 134 27.67 -4.24 -21.13
C THR B 134 27.63 -4.91 -19.76
N ALA B 135 28.28 -4.29 -18.78
CA ALA B 135 28.30 -4.80 -17.41
C ALA B 135 27.93 -3.71 -16.43
N SER B 136 26.81 -3.89 -15.73
CA SER B 136 26.44 -2.95 -14.68
C SER B 136 26.79 -3.55 -13.32
N VAL B 137 27.47 -2.76 -12.50
CA VAL B 137 27.81 -3.17 -11.16
C VAL B 137 27.04 -2.25 -10.23
N VAL B 138 26.37 -2.83 -9.25
CA VAL B 138 25.50 -2.02 -8.41
C VAL B 138 25.90 -2.06 -6.97
N CYS B 139 25.88 -0.90 -6.34
CA CYS B 139 26.14 -0.84 -4.93
C CYS B 139 24.95 -0.21 -4.23
N LEU B 140 24.45 -0.89 -3.20
CA LEU B 140 23.28 -0.42 -2.47
C LEU B 140 23.64 0.06 -1.07
N LEU B 141 23.25 1.30 -0.77
CA LEU B 141 23.31 1.86 0.58
C LEU B 141 21.88 1.91 1.13
N ASN B 142 21.58 1.12 2.16
CA ASN B 142 20.20 0.96 2.54
C ASN B 142 19.86 1.52 3.90
N ASN B 143 18.71 2.21 3.97
CA ASN B 143 18.14 2.77 5.18
C ASN B 143 19.15 3.49 6.06
N PHE B 144 19.66 4.61 5.58
CA PHE B 144 20.58 5.43 6.37
C PHE B 144 20.02 6.83 6.57
N TYR B 145 20.70 7.60 7.41
CA TYR B 145 20.37 9.00 7.69
C TYR B 145 21.57 9.64 8.40
N PRO B 146 21.94 10.88 8.02
CA PRO B 146 21.34 11.77 7.01
C PRO B 146 21.68 11.39 5.57
N ARG B 147 21.20 12.17 4.62
CA ARG B 147 21.26 11.79 3.22
C ARG B 147 22.67 11.84 2.66
N GLU B 148 23.47 12.75 3.19
CA GLU B 148 24.80 12.97 2.65
C GLU B 148 25.69 11.76 2.92
N ALA B 149 26.23 11.22 1.85
CA ALA B 149 27.07 10.05 1.88
C ALA B 149 27.97 10.08 0.66
N LYS B 150 29.11 9.40 0.74
CA LYS B 150 30.00 9.34 -0.42
C LYS B 150 30.28 7.89 -0.83
N VAL B 151 30.17 7.64 -2.12
CA VAL B 151 30.42 6.33 -2.67
C VAL B 151 31.57 6.38 -3.64
N GLN B 152 32.59 5.56 -3.40
CA GLN B 152 33.70 5.50 -4.33
C GLN B 152 33.87 4.09 -4.89
N TRP B 153 34.01 4.02 -6.20
CA TRP B 153 34.23 2.76 -6.90
C TRP B 153 35.71 2.52 -7.18
N LYS B 154 36.24 1.38 -6.73
CA LYS B 154 37.63 1.03 -6.97
C LYS B 154 37.75 -0.30 -7.72
N VAL B 155 38.20 -0.24 -8.97
CA VAL B 155 38.48 -1.44 -9.74
C VAL B 155 39.98 -1.78 -9.73
N ASP B 156 40.31 -2.94 -9.15
CA ASP B 156 41.70 -3.34 -8.96
C ASP B 156 42.45 -2.23 -8.19
N ASN B 157 41.73 -1.67 -7.21
CA ASN B 157 42.19 -0.62 -6.30
C ASN B 157 42.45 0.72 -6.98
N ALA B 158 42.14 0.80 -8.27
CA ALA B 158 42.16 2.06 -9.01
C ALA B 158 40.82 2.82 -8.89
N LEU B 159 40.82 3.92 -8.14
CA LEU B 159 39.63 4.78 -7.98
C LEU B 159 39.01 5.22 -9.29
N GLN B 160 37.71 4.95 -9.44
CA GLN B 160 37.00 5.27 -10.66
C GLN B 160 36.37 6.66 -10.58
N SER B 161 36.05 7.23 -11.74
CA SER B 161 35.27 8.46 -11.81
C SER B 161 34.78 8.66 -13.25
N GLY B 162 33.58 9.23 -13.39
CA GLY B 162 33.00 9.49 -14.69
C GLY B 162 32.13 8.40 -15.28
N ASN B 163 32.10 7.22 -14.65
CA ASN B 163 31.37 6.08 -15.21
C ASN B 163 30.35 5.47 -14.23
N SER B 164 29.85 6.28 -13.32
CA SER B 164 28.88 5.80 -12.34
C SER B 164 27.78 6.85 -12.08
N GLN B 165 26.53 6.41 -12.02
CA GLN B 165 25.41 7.28 -11.65
C GLN B 165 24.80 6.89 -10.32
N GLU B 166 24.36 7.89 -9.56
CA GLU B 166 23.68 7.65 -8.29
C GLU B 166 22.18 7.93 -8.38
N SER B 167 21.43 7.31 -7.47
CA SER B 167 20.01 7.55 -7.34
C SER B 167 19.66 7.48 -5.85
N VAL B 168 18.99 8.49 -5.34
CA VAL B 168 18.55 8.48 -3.95
C VAL B 168 17.04 8.45 -3.91
N THR B 169 16.50 7.73 -2.94
CA THR B 169 15.07 7.73 -2.68
C THR B 169 14.73 8.96 -1.86
N GLU B 170 13.46 9.32 -1.85
CA GLU B 170 13.01 10.38 -0.97
C GLU B 170 12.98 9.83 0.45
N GLN B 171 12.88 10.72 1.44
CA GLN B 171 12.86 10.28 2.81
C GLN B 171 11.66 9.37 3.10
N ASP B 172 11.93 8.23 3.73
CA ASP B 172 10.91 7.22 4.01
C ASP B 172 9.87 7.69 5.03
N SER B 173 8.60 7.51 4.70
CA SER B 173 7.52 8.05 5.52
C SER B 173 7.28 7.24 6.78
N LYS B 174 7.93 6.08 6.88
CA LYS B 174 7.81 5.24 8.08
C LYS B 174 9.02 5.35 9.01
N ASP B 175 10.25 5.26 8.48
CA ASP B 175 11.44 5.34 9.34
C ASP B 175 12.39 6.51 9.08
N SER B 176 11.96 7.44 8.21
CA SER B 176 12.70 8.68 7.95
C SER B 176 14.12 8.49 7.38
N THR B 177 14.38 7.35 6.74
CA THR B 177 15.72 7.10 6.18
C THR B 177 15.76 7.30 4.68
N TYR B 178 16.97 7.27 4.13
CA TYR B 178 17.15 7.26 2.68
C TYR B 178 17.77 5.94 2.25
N SER B 179 17.74 5.68 0.95
CA SER B 179 18.53 4.62 0.38
C SER B 179 19.13 5.15 -0.92
N LEU B 180 20.29 4.63 -1.28
CA LEU B 180 20.99 5.12 -2.46
C LEU B 180 21.51 3.96 -3.27
N SER B 181 21.33 4.03 -4.59
CA SER B 181 22.03 3.10 -5.47
C SER B 181 23.12 3.84 -6.23
N SER B 182 24.27 3.19 -6.36
CA SER B 182 25.33 3.67 -7.26
C SER B 182 25.65 2.57 -8.26
N THR B 183 25.63 2.92 -9.54
CA THR B 183 25.71 1.93 -10.61
C THR B 183 26.92 2.24 -11.50
N LEU B 184 27.91 1.36 -11.40
CA LEU B 184 29.14 1.45 -12.18
C LEU B 184 28.98 0.76 -13.52
N THR B 185 29.00 1.52 -14.61
CA THR B 185 28.87 0.96 -15.95
C THR B 185 30.20 0.89 -16.70
N LEU B 186 30.46 -0.24 -17.35
CA LEU B 186 31.63 -0.39 -18.23
C LEU B 186 31.44 -1.55 -19.19
N SER B 187 32.28 -1.60 -20.22
CA SER B 187 32.13 -2.59 -21.29
C SER B 187 32.38 -4.00 -20.78
N LYS B 188 31.86 -5.00 -21.49
CA LYS B 188 32.13 -6.38 -21.14
C LYS B 188 33.63 -6.66 -21.14
N ALA B 189 34.30 -6.26 -22.21
CA ALA B 189 35.73 -6.43 -22.36
C ALA B 189 36.49 -5.74 -21.23
N ASP B 190 36.12 -4.49 -20.97
CA ASP B 190 36.64 -3.76 -19.82
C ASP B 190 36.44 -4.52 -18.53
N TYR B 191 35.24 -5.11 -18.37
CA TYR B 191 34.89 -5.81 -17.15
C TYR B 191 35.75 -7.05 -16.96
N GLU B 192 36.00 -7.76 -18.05
CA GLU B 192 36.67 -9.05 -17.98
C GLU B 192 38.18 -8.92 -17.76
N LYS B 193 38.73 -7.75 -18.06
CA LYS B 193 40.17 -7.57 -17.91
C LYS B 193 40.54 -7.03 -16.53
N HIS B 194 39.61 -7.11 -15.59
CA HIS B 194 39.94 -6.78 -14.20
C HIS B 194 39.35 -7.84 -13.28
N LYS B 195 39.76 -7.84 -12.01
CA LYS B 195 39.29 -8.89 -11.13
C LYS B 195 38.59 -8.35 -9.89
N VAL B 196 39.18 -7.39 -9.21
CA VAL B 196 38.60 -6.94 -7.95
C VAL B 196 37.72 -5.70 -8.13
N TYR B 197 36.43 -5.88 -7.86
CA TYR B 197 35.47 -4.78 -7.93
C TYR B 197 34.96 -4.46 -6.55
N ALA B 198 35.03 -3.18 -6.18
CA ALA B 198 34.78 -2.79 -4.81
C ALA B 198 34.04 -1.48 -4.73
N CYS B 199 33.33 -1.31 -3.63
CA CYS B 199 32.48 -0.14 -3.42
C CYS B 199 32.75 0.35 -2.02
N GLU B 200 33.08 1.63 -1.88
CA GLU B 200 33.51 2.14 -0.58
C GLU B 200 32.64 3.30 -0.15
N VAL B 201 32.11 3.18 1.05
CA VAL B 201 31.05 4.06 1.51
C VAL B 201 31.42 4.82 2.76
N THR B 202 31.39 6.15 2.64
CA THR B 202 31.66 7.02 3.77
C THR B 202 30.37 7.65 4.25
N HIS B 203 30.08 7.50 5.53
CA HIS B 203 28.86 8.07 6.09
C HIS B 203 28.99 8.36 7.58
N GLN B 204 28.41 9.48 8.01
CA GLN B 204 28.50 9.96 9.39
C GLN B 204 28.13 8.92 10.45
N GLY B 205 27.46 7.86 10.03
CA GLY B 205 27.03 6.82 10.96
C GLY B 205 28.05 5.70 11.02
N LEU B 206 29.09 5.84 10.22
CA LEU B 206 30.17 4.87 10.21
C LEU B 206 31.44 5.46 10.83
N SER B 207 31.95 4.80 11.85
CA SER B 207 33.21 5.18 12.49
C SER B 207 34.33 5.31 11.45
N SER B 208 34.36 4.35 10.54
CA SER B 208 35.32 4.32 9.45
C SER B 208 34.62 3.82 8.19
N PRO B 209 35.09 4.24 7.00
CA PRO B 209 34.50 3.83 5.73
C PRO B 209 34.30 2.33 5.62
N VAL B 210 33.21 1.90 4.97
CA VAL B 210 32.92 0.48 4.78
C VAL B 210 33.13 0.10 3.32
N THR B 211 33.78 -1.03 3.08
CA THR B 211 33.95 -1.54 1.73
C THR B 211 33.25 -2.87 1.58
N LYS B 212 32.48 -3.01 0.50
CA LYS B 212 32.00 -4.31 0.08
C LYS B 212 32.60 -4.54 -1.29
N SER B 213 32.89 -5.80 -1.61
CA SER B 213 33.55 -6.08 -2.87
C SER B 213 33.40 -7.53 -3.26
N PHE B 214 33.72 -7.81 -4.52
CA PHE B 214 33.71 -9.18 -4.99
C PHE B 214 34.80 -9.32 -6.02
N ASN B 215 35.22 -10.54 -6.27
CA ASN B 215 36.17 -10.79 -7.34
C ASN B 215 35.45 -11.50 -8.48
N ARG B 216 35.60 -10.96 -9.69
CA ARG B 216 34.90 -11.50 -10.85
C ARG B 216 35.14 -12.99 -11.00
N GLY B 217 34.12 -13.78 -10.68
CA GLY B 217 34.18 -15.23 -10.83
C GLY B 217 34.34 -16.00 -9.54
N GLU B 218 33.69 -15.56 -8.47
CA GLU B 218 33.76 -16.25 -7.18
C GLU B 218 32.40 -16.29 -6.47
N GLU C 1 13.92 -0.08 11.11
CA GLU C 1 13.47 -1.12 10.18
C GLU C 1 13.49 -2.50 10.83
N VAL C 2 12.42 -2.84 11.53
CA VAL C 2 12.31 -4.16 12.16
C VAL C 2 11.52 -5.11 11.27
N GLN C 3 12.05 -6.31 11.05
CA GLN C 3 11.34 -7.32 10.29
C GLN C 3 11.23 -8.62 11.08
N LEU C 4 10.06 -9.24 10.93
CA LEU C 4 9.73 -10.49 11.56
C LEU C 4 9.03 -11.35 10.51
N VAL C 5 9.73 -12.30 9.93
CA VAL C 5 9.18 -13.05 8.80
C VAL C 5 8.96 -14.53 9.14
N GLU C 6 7.70 -14.88 9.39
CA GLU C 6 7.32 -16.27 9.64
C GLU C 6 7.35 -17.09 8.36
N SER C 7 7.59 -18.39 8.50
CA SER C 7 7.42 -19.32 7.38
C SER C 7 7.21 -20.75 7.91
N GLY C 8 6.73 -21.64 7.06
CA GLY C 8 6.55 -23.04 7.43
C GLY C 8 5.11 -23.49 7.56
N GLY C 9 4.17 -22.55 7.43
CA GLY C 9 2.76 -22.85 7.55
C GLY C 9 2.28 -23.79 6.45
N GLY C 10 1.01 -24.17 6.53
CA GLY C 10 0.43 -25.08 5.56
C GLY C 10 -0.60 -26.03 6.14
N LEU C 11 -1.01 -27.02 5.34
CA LEU C 11 -2.04 -27.98 5.73
C LEU C 11 -1.44 -29.30 6.22
N VAL C 12 -1.87 -29.75 7.39
CA VAL C 12 -1.46 -31.04 7.92
C VAL C 12 -2.68 -31.88 8.28
N GLN C 13 -2.53 -33.18 8.10
CA GLN C 13 -3.51 -34.14 8.60
C GLN C 13 -3.47 -34.13 10.14
N PRO C 14 -4.63 -34.35 10.80
CA PRO C 14 -4.65 -34.52 12.26
C PRO C 14 -3.62 -35.54 12.77
N GLY C 15 -2.97 -35.24 13.88
CA GLY C 15 -1.96 -36.13 14.45
C GLY C 15 -0.59 -35.85 13.88
N GLY C 16 -0.55 -35.40 12.64
CA GLY C 16 0.69 -35.06 11.97
C GLY C 16 1.40 -33.88 12.62
N SER C 17 2.49 -33.43 12.01
CA SER C 17 3.28 -32.39 12.65
C SER C 17 3.68 -31.30 11.66
N LEU C 18 4.23 -30.22 12.19
CA LEU C 18 4.65 -29.09 11.37
C LEU C 18 5.65 -28.22 12.11
N ARG C 19 6.63 -27.69 11.38
CA ARG C 19 7.63 -26.82 11.98
C ARG C 19 7.51 -25.40 11.41
N LEU C 20 7.33 -24.43 12.30
CA LEU C 20 7.27 -23.03 11.90
C LEU C 20 8.60 -22.33 12.17
N SER C 21 8.92 -21.34 11.35
CA SER C 21 10.17 -20.61 11.50
C SER C 21 9.89 -19.11 11.48
N CYS C 22 10.74 -18.34 12.13
CA CYS C 22 10.60 -16.89 12.16
C CYS C 22 11.96 -16.23 12.03
N ALA C 23 12.12 -15.40 11.01
CA ALA C 23 13.40 -14.74 10.78
C ALA C 23 13.28 -13.28 11.18
N ALA C 24 14.19 -12.83 12.03
CA ALA C 24 14.10 -11.49 12.58
C ALA C 24 15.29 -10.64 12.14
N SER C 25 15.06 -9.34 12.03
CA SER C 25 16.11 -8.38 11.67
C SER C 25 15.72 -6.98 12.10
N GLY C 26 16.71 -6.12 12.27
CA GLY C 26 16.47 -4.72 12.60
C GLY C 26 16.42 -4.37 14.09
N PHE C 27 16.74 -5.34 14.94
CA PHE C 27 16.83 -5.10 16.38
C PHE C 27 17.68 -6.19 17.00
N THR C 28 18.12 -5.96 18.24
CA THR C 28 18.98 -6.93 18.90
C THR C 28 18.14 -8.14 19.36
N PHE C 29 18.03 -9.13 18.48
CA PHE C 29 17.14 -10.27 18.68
C PHE C 29 17.45 -11.07 19.94
N SER C 30 18.74 -11.20 20.26
CA SER C 30 19.17 -11.96 21.43
C SER C 30 18.69 -11.30 22.71
N SER C 31 18.46 -10.00 22.64
CA SER C 31 18.11 -9.21 23.81
C SER C 31 16.61 -9.24 24.13
N TYR C 32 15.84 -10.02 23.37
CA TYR C 32 14.38 -9.96 23.48
C TYR C 32 13.70 -11.32 23.68
N GLY C 33 12.77 -11.37 24.65
CA GLY C 33 11.90 -12.52 24.77
C GLY C 33 11.02 -12.60 23.55
N MET C 34 10.70 -13.82 23.11
CA MET C 34 9.85 -14.01 21.94
C MET C 34 8.66 -14.92 22.27
N SER C 35 7.59 -14.81 21.48
CA SER C 35 6.44 -15.68 21.66
C SER C 35 5.75 -16.01 20.34
N TRP C 36 5.06 -17.15 20.31
CA TRP C 36 4.14 -17.43 19.24
C TRP C 36 2.72 -17.16 19.73
N VAL C 37 1.99 -16.34 18.98
CA VAL C 37 0.57 -16.08 19.25
C VAL C 37 -0.25 -16.49 18.04
N ARG C 38 -1.38 -17.15 18.28
CA ARG C 38 -2.24 -17.50 17.15
C ARG C 38 -3.59 -16.79 17.21
N GLN C 39 -4.31 -16.86 16.09
CA GLN C 39 -5.58 -16.18 15.92
C GLN C 39 -6.43 -16.92 14.89
N ALA C 40 -7.54 -17.50 15.32
CA ALA C 40 -8.51 -18.04 14.38
C ALA C 40 -9.29 -16.87 13.82
N PRO C 41 -9.73 -16.98 12.55
CA PRO C 41 -10.45 -15.86 11.93
C PRO C 41 -11.68 -15.47 12.74
N GLY C 42 -11.81 -14.19 13.07
CA GLY C 42 -12.88 -13.72 13.92
C GLY C 42 -12.51 -13.69 15.40
N LYS C 43 -11.80 -14.72 15.86
CA LYS C 43 -11.39 -14.82 17.26
C LYS C 43 -10.28 -13.82 17.61
N GLY C 44 -9.94 -13.76 18.89
CA GLY C 44 -8.90 -12.85 19.37
C GLY C 44 -7.54 -13.50 19.45
N LEU C 45 -6.67 -12.94 20.29
CA LEU C 45 -5.28 -13.37 20.34
C LEU C 45 -5.03 -14.41 21.43
N GLU C 46 -4.63 -15.61 21.01
CA GLU C 46 -4.29 -16.69 21.95
C GLU C 46 -2.80 -17.01 21.98
N LEU C 47 -2.17 -16.82 23.13
CA LEU C 47 -0.76 -17.19 23.29
C LEU C 47 -0.56 -18.69 23.10
N VAL C 48 0.46 -19.06 22.35
CA VAL C 48 0.74 -20.44 22.03
C VAL C 48 1.97 -20.93 22.80
N ALA C 49 2.99 -20.10 22.85
CA ALA C 49 4.22 -20.45 23.56
C ALA C 49 5.12 -19.24 23.68
N SER C 50 5.87 -19.17 24.77
CA SER C 50 6.84 -18.09 24.96
C SER C 50 8.20 -18.64 25.32
N ILE C 51 9.23 -17.89 24.98
CA ILE C 51 10.60 -18.22 25.34
C ILE C 51 11.29 -16.93 25.74
N ASN C 52 12.18 -16.99 26.71
CA ASN C 52 12.88 -15.78 27.14
C ASN C 52 14.13 -15.56 26.32
N SER C 53 14.87 -14.50 26.65
CA SER C 53 15.99 -14.04 25.85
C SER C 53 17.10 -15.07 25.65
N ASN C 54 17.34 -15.86 26.69
CA ASN C 54 18.54 -16.72 26.75
C ASN C 54 18.73 -17.71 25.58
N GLY C 55 17.76 -18.57 25.25
CA GLY C 55 16.48 -18.73 25.90
C GLY C 55 16.36 -20.07 26.59
N GLY C 56 16.48 -20.06 27.91
CA GLY C 56 16.38 -21.29 28.70
C GLY C 56 15.19 -21.28 29.63
N SER C 57 14.13 -20.58 29.23
CA SER C 57 12.89 -20.52 30.01
C SER C 57 11.70 -20.43 29.06
N THR C 58 10.84 -21.43 29.10
CA THR C 58 9.70 -21.47 28.19
C THR C 58 8.38 -21.65 28.91
N TYR C 59 7.30 -21.21 28.28
CA TYR C 59 5.96 -21.43 28.81
C TYR C 59 5.03 -21.97 27.73
N TYR C 60 4.11 -22.85 28.14
CA TYR C 60 3.07 -23.37 27.26
C TYR C 60 1.73 -23.43 27.98
N PRO C 61 0.68 -22.87 27.36
CA PRO C 61 -0.66 -23.13 27.91
C PRO C 61 -0.98 -24.61 27.81
N ASP C 62 -1.84 -25.12 28.69
CA ASP C 62 -2.13 -26.55 28.72
C ASP C 62 -2.73 -27.02 27.42
N SER C 63 -3.34 -26.10 26.67
CA SER C 63 -3.99 -26.42 25.41
C SER C 63 -3.01 -26.98 24.37
N VAL C 64 -1.72 -26.72 24.57
CA VAL C 64 -0.70 -27.18 23.61
C VAL C 64 0.52 -27.75 24.32
N LYS C 65 0.57 -27.60 25.64
CA LYS C 65 1.68 -28.13 26.43
C LYS C 65 1.80 -29.63 26.20
N GLY C 66 3.04 -30.08 25.96
CA GLY C 66 3.29 -31.47 25.64
C GLY C 66 3.36 -31.73 24.15
N ARG C 67 2.70 -30.88 23.37
CA ARG C 67 2.63 -31.06 21.94
C ARG C 67 3.55 -30.09 21.19
N PHE C 68 3.60 -28.85 21.64
CA PHE C 68 4.37 -27.83 20.94
C PHE C 68 5.71 -27.57 21.63
N THR C 69 6.71 -27.19 20.84
CA THR C 69 8.04 -26.91 21.37
C THR C 69 8.63 -25.64 20.75
N ILE C 70 8.89 -24.64 21.58
CA ILE C 70 9.47 -23.40 21.07
C ILE C 70 10.97 -23.32 21.34
N SER C 71 11.74 -23.35 20.27
CA SER C 71 13.19 -23.21 20.35
C SER C 71 13.62 -21.87 19.79
N ARG C 72 14.90 -21.55 19.95
CA ARG C 72 15.42 -20.27 19.55
C ARG C 72 16.90 -20.39 19.15
N ASP C 73 17.29 -19.69 18.09
CA ASP C 73 18.67 -19.67 17.62
C ASP C 73 19.15 -18.23 17.55
N ASN C 74 19.71 -17.73 18.65
CA ASN C 74 20.12 -16.34 18.72
C ASN C 74 21.23 -15.97 17.74
N ALA C 75 21.85 -16.98 17.13
CA ALA C 75 22.92 -16.76 16.15
C ALA C 75 22.36 -16.46 14.75
N LYS C 76 21.41 -17.28 14.30
CA LYS C 76 20.77 -17.07 13.01
C LYS C 76 19.62 -16.08 13.11
N ASN C 77 19.44 -15.50 14.30
CA ASN C 77 18.35 -14.58 14.58
C ASN C 77 16.97 -15.15 14.25
N SER C 78 16.74 -16.38 14.71
CA SER C 78 15.54 -17.12 14.34
C SER C 78 14.81 -17.76 15.52
N LEU C 79 13.49 -17.90 15.38
CA LEU C 79 12.64 -18.51 16.38
C LEU C 79 11.87 -19.67 15.75
N TYR C 80 11.67 -20.76 16.50
CA TYR C 80 11.01 -21.93 15.93
C TYR C 80 9.83 -22.44 16.77
N LEU C 81 8.88 -23.06 16.09
CA LEU C 81 7.80 -23.75 16.78
C LEU C 81 7.59 -25.13 16.17
N GLN C 82 7.92 -26.16 16.94
CA GLN C 82 7.67 -27.53 16.52
C GLN C 82 6.31 -27.94 17.01
N MET C 83 5.41 -28.20 16.07
CA MET C 83 4.04 -28.57 16.42
C MET C 83 3.82 -30.05 16.10
N ASN C 84 3.59 -30.84 17.13
CA ASN C 84 3.29 -32.26 16.97
C ASN C 84 1.90 -32.58 17.47
N SER C 85 1.35 -33.70 16.99
CA SER C 85 0.02 -34.15 17.39
C SER C 85 -1.00 -33.05 17.16
N LEU C 86 -0.93 -32.43 15.98
CA LEU C 86 -1.78 -31.31 15.63
C LEU C 86 -3.26 -31.70 15.63
N ARG C 87 -4.08 -30.81 16.15
CA ARG C 87 -5.53 -31.05 16.23
C ARG C 87 -6.27 -30.04 15.34
N ALA C 88 -7.50 -30.38 14.97
CA ALA C 88 -8.30 -29.52 14.11
C ALA C 88 -8.49 -28.13 14.72
N GLU C 89 -8.57 -28.06 16.04
CA GLU C 89 -8.74 -26.78 16.74
C GLU C 89 -7.47 -25.94 16.71
N ASP C 90 -6.41 -26.48 16.12
CA ASP C 90 -5.16 -25.73 16.04
C ASP C 90 -5.14 -24.88 14.77
N THR C 91 -6.21 -24.96 13.98
CA THR C 91 -6.28 -24.20 12.74
C THR C 91 -6.29 -22.71 13.07
N ALA C 92 -5.27 -21.99 12.63
CA ALA C 92 -5.16 -20.56 12.93
C ALA C 92 -4.05 -19.89 12.13
N VAL C 93 -4.02 -18.57 12.21
CA VAL C 93 -2.87 -17.79 11.78
C VAL C 93 -1.93 -17.71 12.97
N TYR C 94 -0.68 -18.13 12.76
CA TYR C 94 0.33 -18.09 13.81
C TYR C 94 1.26 -16.90 13.61
N TYR C 95 1.32 -16.03 14.62
CA TYR C 95 2.19 -14.86 14.57
C TYR C 95 3.45 -15.07 15.39
N CYS C 96 4.53 -14.48 14.91
CA CYS C 96 5.78 -14.39 15.62
C CYS C 96 5.83 -12.99 16.23
N ALA C 97 6.09 -12.87 17.52
CA ALA C 97 6.07 -11.54 18.14
C ALA C 97 7.12 -11.35 19.23
N SER C 98 7.55 -10.10 19.41
CA SER C 98 8.55 -9.74 20.40
C SER C 98 7.98 -8.81 21.46
N GLY C 99 6.70 -8.50 21.34
CA GLY C 99 6.09 -7.53 22.21
C GLY C 99 6.00 -6.16 21.56
N ASP C 100 7.07 -5.74 20.90
CA ASP C 100 7.08 -4.48 20.17
C ASP C 100 6.56 -4.67 18.75
N TYR C 101 6.83 -5.84 18.18
CA TYR C 101 6.49 -6.06 16.78
C TYR C 101 5.93 -7.45 16.52
N TRP C 102 5.10 -7.54 15.50
CA TRP C 102 4.50 -8.80 15.07
C TRP C 102 4.78 -9.05 13.59
N GLY C 103 5.10 -10.28 13.22
CA GLY C 103 5.15 -10.65 11.81
C GLY C 103 3.77 -10.62 11.16
N GLN C 104 3.71 -10.90 9.86
CA GLN C 104 2.44 -10.91 9.13
C GLN C 104 1.68 -12.20 9.42
N GLY C 105 2.39 -13.21 9.89
CA GLY C 105 1.78 -14.46 10.28
C GLY C 105 1.89 -15.51 9.21
N THR C 106 1.77 -16.77 9.61
CA THR C 106 1.70 -17.85 8.65
C THR C 106 0.50 -18.74 8.99
N THR C 107 -0.11 -19.33 7.96
CA THR C 107 -1.39 -20.01 8.10
C THR C 107 -1.26 -21.52 8.29
N VAL C 108 -1.83 -22.03 9.37
CA VAL C 108 -1.79 -23.46 9.67
C VAL C 108 -3.20 -24.06 9.66
N THR C 109 -3.39 -25.07 8.82
CA THR C 109 -4.69 -25.73 8.72
C THR C 109 -4.55 -27.21 9.03
N VAL C 110 -5.33 -27.70 9.99
CA VAL C 110 -5.30 -29.12 10.36
C VAL C 110 -6.61 -29.77 9.92
N SER C 111 -6.54 -30.58 8.87
CA SER C 111 -7.75 -31.13 8.26
C SER C 111 -7.54 -32.48 7.59
N SER C 112 -8.63 -33.24 7.52
CA SER C 112 -8.64 -34.54 6.86
C SER C 112 -9.00 -34.40 5.39
N ALA C 113 -8.48 -33.37 4.74
CA ALA C 113 -8.80 -33.10 3.34
C ALA C 113 -7.56 -32.69 2.56
N SER C 114 -7.67 -32.75 1.23
CA SER C 114 -6.52 -32.52 0.36
C SER C 114 -6.45 -31.07 -0.13
N THR C 115 -5.27 -30.67 -0.58
CA THR C 115 -5.10 -29.32 -1.10
C THR C 115 -5.60 -29.23 -2.52
N LYS C 116 -6.35 -28.17 -2.82
CA LYS C 116 -6.85 -27.94 -4.16
C LYS C 116 -6.59 -26.50 -4.60
N GLY C 117 -6.23 -26.33 -5.88
CA GLY C 117 -6.00 -25.02 -6.45
C GLY C 117 -7.30 -24.36 -6.88
N PRO C 118 -7.30 -23.02 -6.95
CA PRO C 118 -8.53 -22.30 -7.32
C PRO C 118 -8.76 -22.19 -8.81
N SER C 119 -10.04 -22.03 -9.19
CA SER C 119 -10.39 -21.55 -10.51
C SER C 119 -10.59 -20.03 -10.43
N VAL C 120 -10.21 -19.32 -11.49
CA VAL C 120 -10.33 -17.87 -11.48
C VAL C 120 -11.23 -17.44 -12.64
N PHE C 121 -12.37 -16.86 -12.32
CA PHE C 121 -13.30 -16.46 -13.36
C PHE C 121 -13.49 -14.96 -13.41
N PRO C 122 -13.60 -14.43 -14.62
CA PRO C 122 -13.91 -13.02 -14.87
C PRO C 122 -15.25 -12.60 -14.30
N LEU C 123 -15.24 -11.48 -13.58
CA LEU C 123 -16.46 -10.77 -13.28
C LEU C 123 -16.47 -9.57 -14.22
N ALA C 124 -17.03 -9.79 -15.41
CA ALA C 124 -16.92 -8.82 -16.49
C ALA C 124 -17.81 -7.60 -16.30
N PRO C 125 -17.26 -6.41 -16.58
CA PRO C 125 -17.94 -5.11 -16.51
C PRO C 125 -18.77 -4.85 -17.76
N SER C 126 -19.64 -3.85 -17.73
CA SER C 126 -20.38 -3.46 -18.94
C SER C 126 -20.96 -2.05 -18.86
N SER C 127 -21.77 -1.74 -19.87
CA SER C 127 -22.63 -0.55 -19.86
C SER C 127 -23.93 -0.94 -20.55
N LYS C 128 -25.07 -0.40 -20.08
CA LYS C 128 -25.13 0.58 -19.01
C LYS C 128 -25.25 -0.07 -17.63
N SER C 129 -24.30 -0.95 -17.30
CA SER C 129 -24.21 -1.54 -15.98
C SER C 129 -23.43 -0.65 -15.02
N THR C 130 -23.52 0.66 -15.22
CA THR C 130 -22.82 1.64 -14.38
C THR C 130 -23.66 2.03 -13.16
N SER C 131 -22.99 2.43 -12.08
CA SER C 131 -23.68 2.88 -10.87
C SER C 131 -23.19 4.23 -10.36
N GLY C 132 -23.12 5.20 -11.27
CA GLY C 132 -22.92 6.60 -10.91
C GLY C 132 -21.77 6.95 -9.96
N GLY C 133 -20.61 7.25 -10.53
CA GLY C 133 -20.41 7.17 -11.96
C GLY C 133 -19.32 6.15 -12.24
N THR C 134 -19.39 5.02 -11.54
CA THR C 134 -18.34 4.02 -11.61
C THR C 134 -18.82 2.75 -12.30
N ALA C 135 -17.87 2.06 -12.93
CA ALA C 135 -18.10 0.69 -13.40
C ALA C 135 -17.40 -0.25 -12.46
N ALA C 136 -17.85 -1.50 -12.39
CA ALA C 136 -17.26 -2.48 -11.51
C ALA C 136 -16.84 -3.70 -12.31
N LEU C 137 -15.71 -4.30 -11.93
CA LEU C 137 -15.26 -5.53 -12.53
C LEU C 137 -14.51 -6.31 -11.49
N GLY C 138 -14.15 -7.56 -11.81
CA GLY C 138 -13.51 -8.38 -10.82
C GLY C 138 -13.13 -9.76 -11.27
N CYS C 139 -12.84 -10.60 -10.28
CA CYS C 139 -12.36 -11.96 -10.50
C CYS C 139 -12.94 -12.80 -9.39
N LEU C 140 -13.44 -13.97 -9.77
CA LEU C 140 -14.00 -14.91 -8.82
C LEU C 140 -13.00 -16.04 -8.61
N VAL C 141 -12.59 -16.23 -7.36
CA VAL C 141 -11.51 -17.15 -7.01
C VAL C 141 -12.10 -18.28 -6.22
N LYS C 142 -12.39 -19.38 -6.91
CA LYS C 142 -13.33 -20.35 -6.38
C LYS C 142 -12.75 -21.76 -6.21
N ASP C 143 -13.19 -22.43 -5.14
CA ASP C 143 -12.91 -23.84 -4.87
C ASP C 143 -11.44 -24.13 -4.66
N TYR C 144 -10.81 -23.38 -3.76
CA TYR C 144 -9.45 -23.69 -3.34
C TYR C 144 -9.44 -24.11 -1.89
N PHE C 145 -8.34 -24.76 -1.48
CA PHE C 145 -8.14 -25.19 -0.11
C PHE C 145 -6.68 -25.64 0.03
N PRO C 146 -6.00 -25.21 1.11
CA PRO C 146 -6.49 -24.36 2.19
C PRO C 146 -6.15 -22.89 1.94
N GLU C 147 -6.49 -22.05 2.91
CA GLU C 147 -6.06 -20.67 2.92
C GLU C 147 -4.54 -20.66 3.02
N PRO C 148 -3.88 -19.57 2.58
CA PRO C 148 -4.37 -18.33 1.98
C PRO C 148 -4.17 -18.26 0.48
N VAL C 149 -4.80 -17.26 -0.13
CA VAL C 149 -4.57 -16.98 -1.54
C VAL C 149 -4.21 -15.49 -1.64
N THR C 150 -3.38 -15.13 -2.61
CA THR C 150 -2.99 -13.73 -2.82
C THR C 150 -3.66 -13.19 -4.08
N VAL C 151 -4.29 -12.03 -3.97
CA VAL C 151 -4.88 -11.41 -5.12
C VAL C 151 -4.43 -9.97 -5.28
N SER C 152 -3.98 -9.63 -6.47
CA SER C 152 -3.68 -8.25 -6.82
C SER C 152 -4.19 -7.90 -8.22
N TRP C 153 -4.22 -6.62 -8.53
CA TRP C 153 -4.66 -6.16 -9.85
C TRP C 153 -3.54 -5.42 -10.57
N ASN C 154 -3.35 -5.79 -11.83
CA ASN C 154 -2.30 -5.22 -12.69
C ASN C 154 -0.92 -5.32 -12.00
N SER C 155 -0.56 -6.51 -11.57
CA SER C 155 0.72 -6.78 -10.93
C SER C 155 1.05 -5.85 -9.76
N GLY C 156 0.03 -5.24 -9.17
CA GLY C 156 0.24 -4.37 -8.01
C GLY C 156 0.04 -2.90 -8.33
N ALA C 157 -0.01 -2.57 -9.62
CA ALA C 157 -0.11 -1.17 -10.03
C ALA C 157 -1.49 -0.59 -9.69
N LEU C 158 -2.54 -1.40 -9.81
CA LEU C 158 -3.90 -0.94 -9.51
C LEU C 158 -4.31 -1.32 -8.09
N THR C 159 -4.61 -0.33 -7.25
CA THR C 159 -4.90 -0.62 -5.84
C THR C 159 -6.09 0.15 -5.28
N SER C 160 -6.36 1.32 -5.83
CA SER C 160 -7.49 2.10 -5.34
C SER C 160 -8.75 1.61 -6.03
N GLY C 161 -9.85 1.61 -5.30
CA GLY C 161 -11.10 1.07 -5.80
C GLY C 161 -11.17 -0.44 -5.64
N VAL C 162 -10.12 -1.03 -5.08
CA VAL C 162 -10.04 -2.48 -4.95
C VAL C 162 -10.65 -2.97 -3.64
N HIS C 163 -11.50 -4.00 -3.76
CA HIS C 163 -12.00 -4.71 -2.59
C HIS C 163 -11.81 -6.19 -2.83
N THR C 164 -11.00 -6.80 -1.97
CA THR C 164 -10.84 -8.23 -1.98
C THR C 164 -11.56 -8.77 -0.76
N PHE C 165 -12.55 -9.62 -1.00
CA PHE C 165 -13.41 -10.07 0.08
C PHE C 165 -12.78 -11.20 0.88
N PRO C 166 -13.11 -11.26 2.18
CA PRO C 166 -12.74 -12.39 3.01
C PRO C 166 -13.24 -13.70 2.40
N ALA C 167 -12.38 -14.71 2.41
CA ALA C 167 -12.73 -16.03 1.94
C ALA C 167 -13.91 -16.57 2.71
N VAL C 168 -14.75 -17.36 2.04
CA VAL C 168 -15.83 -18.05 2.71
C VAL C 168 -15.75 -19.53 2.40
N LEU C 169 -15.86 -20.37 3.43
CA LEU C 169 -16.00 -21.81 3.22
C LEU C 169 -17.37 -22.14 2.65
N GLN C 170 -17.38 -22.77 1.49
CA GLN C 170 -18.62 -23.29 0.93
C GLN C 170 -18.96 -24.62 1.59
N SER C 171 -20.16 -25.13 1.33
CA SER C 171 -20.59 -26.38 1.93
C SER C 171 -19.75 -27.56 1.43
N SER C 172 -19.01 -27.34 0.34
CA SER C 172 -18.12 -28.35 -0.19
C SER C 172 -16.82 -28.39 0.59
N GLY C 173 -16.64 -27.46 1.51
CA GLY C 173 -15.44 -27.39 2.31
C GLY C 173 -14.30 -26.70 1.58
N LEU C 174 -14.61 -26.13 0.42
CA LEU C 174 -13.63 -25.37 -0.34
C LEU C 174 -13.88 -23.89 -0.14
N TYR C 175 -12.80 -23.13 -0.01
CA TYR C 175 -12.94 -21.68 0.10
C TYR C 175 -13.35 -21.05 -1.22
N SER C 176 -13.94 -19.87 -1.15
CA SER C 176 -14.20 -19.07 -2.34
C SER C 176 -14.25 -17.60 -1.97
N LEU C 177 -13.78 -16.75 -2.86
CA LEU C 177 -13.94 -15.31 -2.67
C LEU C 177 -13.97 -14.57 -3.99
N SER C 178 -14.36 -13.30 -3.92
CA SER C 178 -14.27 -12.42 -5.06
C SER C 178 -13.35 -11.25 -4.77
N SER C 179 -12.63 -10.79 -5.79
CA SER C 179 -11.90 -9.54 -5.72
C SER C 179 -12.44 -8.62 -6.79
N VAL C 180 -12.82 -7.41 -6.40
CA VAL C 180 -13.47 -6.52 -7.35
C VAL C 180 -12.81 -5.16 -7.31
N VAL C 181 -12.97 -4.40 -8.39
CA VAL C 181 -12.50 -3.03 -8.44
C VAL C 181 -13.50 -2.13 -9.19
N THR C 182 -13.68 -0.91 -8.70
CA THR C 182 -14.51 0.06 -9.39
C THR C 182 -13.66 1.18 -9.95
N VAL C 183 -14.02 1.63 -11.14
CA VAL C 183 -13.32 2.69 -11.85
C VAL C 183 -14.34 3.66 -12.42
N PRO C 184 -13.97 4.93 -12.62
CA PRO C 184 -14.88 5.88 -13.27
C PRO C 184 -15.38 5.32 -14.60
N SER C 185 -16.69 5.40 -14.82
CA SER C 185 -17.36 4.82 -16.01
C SER C 185 -16.61 4.95 -17.33
N SER C 186 -16.17 6.15 -17.66
CA SER C 186 -15.61 6.41 -18.98
C SER C 186 -14.13 6.07 -19.08
N SER C 187 -13.56 5.53 -18.00
CA SER C 187 -12.18 5.08 -18.05
C SER C 187 -12.08 3.59 -18.38
N LEU C 188 -13.22 2.96 -18.65
CA LEU C 188 -13.24 1.52 -18.92
C LEU C 188 -12.38 1.14 -20.12
N GLY C 189 -12.57 1.83 -21.23
CA GLY C 189 -11.81 1.50 -22.43
C GLY C 189 -10.31 1.80 -22.38
N THR C 190 -9.90 2.63 -21.43
CA THR C 190 -8.58 3.25 -21.48
C THR C 190 -7.49 2.47 -20.77
N GLN C 191 -7.81 1.28 -20.27
CA GLN C 191 -6.81 0.49 -19.56
C GLN C 191 -7.21 -0.98 -19.56
N THR C 192 -6.25 -1.87 -19.39
CA THR C 192 -6.58 -3.28 -19.25
C THR C 192 -6.52 -3.69 -17.78
N TYR C 193 -7.24 -4.76 -17.44
CA TYR C 193 -7.39 -5.18 -16.05
C TYR C 193 -7.09 -6.66 -15.90
N ILE C 194 -5.98 -6.96 -15.23
CA ILE C 194 -5.62 -8.34 -14.95
C ILE C 194 -5.73 -8.57 -13.45
N CYS C 195 -6.33 -9.67 -13.04
CA CYS C 195 -6.20 -10.03 -11.62
C CYS C 195 -5.10 -11.07 -11.47
N ASN C 196 -4.25 -10.86 -10.48
CA ASN C 196 -3.12 -11.73 -10.22
C ASN C 196 -3.40 -12.60 -9.01
N VAL C 197 -3.59 -13.89 -9.26
CA VAL C 197 -4.01 -14.81 -8.22
C VAL C 197 -2.92 -15.82 -7.91
N ASN C 198 -2.51 -15.88 -6.65
CA ASN C 198 -1.56 -16.92 -6.23
C ASN C 198 -2.03 -17.73 -5.05
N HIS C 199 -2.00 -19.06 -5.21
CA HIS C 199 -2.32 -19.98 -4.13
C HIS C 199 -1.15 -20.95 -3.94
N LYS C 200 -0.21 -20.57 -3.08
CA LYS C 200 0.99 -21.37 -2.84
C LYS C 200 0.75 -22.85 -2.50
N PRO C 201 -0.18 -23.17 -1.57
CA PRO C 201 -0.28 -24.57 -1.14
C PRO C 201 -0.59 -25.59 -2.25
N SER C 202 -0.81 -25.12 -3.47
CA SER C 202 -1.09 -25.99 -4.59
C SER C 202 -0.26 -25.58 -5.79
N ASN C 203 0.59 -24.58 -5.58
CA ASN C 203 1.38 -23.99 -6.65
C ASN C 203 0.52 -23.58 -7.84
N THR C 204 -0.47 -22.73 -7.58
CA THR C 204 -1.34 -22.23 -8.62
C THR C 204 -1.15 -20.73 -8.78
N LYS C 205 -0.69 -20.31 -9.95
CA LYS C 205 -0.62 -18.89 -10.27
C LYS C 205 -1.40 -18.60 -11.55
N VAL C 206 -2.38 -17.71 -11.43
CA VAL C 206 -3.21 -17.33 -12.56
C VAL C 206 -3.21 -15.82 -12.72
N ASP C 207 -3.08 -15.37 -13.96
CA ASP C 207 -3.35 -13.99 -14.29
C ASP C 207 -4.50 -13.98 -15.27
N LYS C 208 -5.64 -13.44 -14.87
CA LYS C 208 -6.82 -13.44 -15.74
C LYS C 208 -7.15 -12.02 -16.21
N LYS C 209 -7.22 -11.85 -17.52
CA LYS C 209 -7.61 -10.57 -18.09
C LYS C 209 -9.12 -10.45 -17.98
N VAL C 210 -9.61 -9.28 -17.57
CA VAL C 210 -11.03 -9.05 -17.43
C VAL C 210 -11.47 -8.00 -18.42
N GLU C 211 -12.37 -8.38 -19.32
CA GLU C 211 -12.81 -7.50 -20.39
C GLU C 211 -14.32 -7.38 -20.45
N PRO C 212 -14.81 -6.20 -20.87
CA PRO C 212 -16.22 -5.84 -21.10
C PRO C 212 -17.06 -6.88 -21.88
N LYS C 213 -16.52 -7.46 -22.95
CA LYS C 213 -17.18 -8.53 -23.72
C LYS C 213 -18.48 -8.08 -24.44
N SER C 214 -18.35 -7.77 -25.73
CA SER C 214 -19.48 -7.44 -26.61
C SER C 214 -20.44 -6.39 -26.05
N ASP D 1 -3.09 -17.30 35.51
CA ASP D 1 -2.93 -16.28 34.48
C ASP D 1 -3.64 -15.00 34.87
N ILE D 2 -2.99 -13.86 34.69
CA ILE D 2 -3.63 -12.58 34.93
C ILE D 2 -4.65 -12.29 33.84
N VAL D 3 -5.91 -12.15 34.23
CA VAL D 3 -6.99 -12.01 33.26
C VAL D 3 -7.30 -10.55 32.95
N MET D 4 -7.35 -10.23 31.65
CA MET D 4 -7.57 -8.88 31.16
C MET D 4 -9.00 -8.72 30.65
N THR D 5 -9.68 -7.66 31.11
CA THR D 5 -11.09 -7.45 30.77
C THR D 5 -11.34 -6.04 30.25
N GLN D 6 -11.97 -5.93 29.09
CA GLN D 6 -12.14 -4.64 28.44
C GLN D 6 -13.59 -4.20 28.36
N SER D 7 -13.81 -2.88 28.40
CA SER D 7 -15.15 -2.30 28.20
C SER D 7 -15.11 -1.01 27.40
N PRO D 8 -15.96 -0.90 26.37
CA PRO D 8 -16.83 -1.97 25.87
C PRO D 8 -16.08 -2.87 24.90
N LEU D 9 -16.77 -3.81 24.27
CA LEU D 9 -16.16 -4.64 23.25
C LEU D 9 -16.50 -4.10 21.85
N SER D 10 -17.63 -3.42 21.75
CA SER D 10 -18.02 -2.70 20.54
C SER D 10 -18.07 -1.22 20.84
N LEU D 11 -17.35 -0.43 20.06
CA LEU D 11 -17.27 1.01 20.35
C LEU D 11 -17.54 1.85 19.10
N PRO D 12 -18.80 2.27 18.92
CA PRO D 12 -19.22 3.16 17.84
C PRO D 12 -18.86 4.60 18.17
N VAL D 13 -18.16 5.27 17.26
CA VAL D 13 -17.73 6.64 17.47
C VAL D 13 -17.95 7.50 16.23
N THR D 14 -18.66 8.61 16.38
CA THR D 14 -18.71 9.62 15.33
C THR D 14 -17.31 10.20 15.22
N PRO D 15 -16.74 10.25 14.01
CA PRO D 15 -15.34 10.66 13.89
C PRO D 15 -15.17 12.10 14.35
N GLY D 16 -13.98 12.42 14.86
CA GLY D 16 -13.74 13.71 15.48
C GLY D 16 -14.08 13.69 16.96
N GLU D 17 -15.05 12.86 17.33
CA GLU D 17 -15.45 12.71 18.73
C GLU D 17 -14.46 11.82 19.49
N PRO D 18 -14.41 11.96 20.83
CA PRO D 18 -13.47 11.17 21.64
C PRO D 18 -13.97 9.76 21.96
N ALA D 19 -13.05 8.86 22.27
CA ALA D 19 -13.39 7.49 22.62
C ALA D 19 -12.58 6.99 23.81
N SER D 20 -13.18 6.14 24.65
CA SER D 20 -12.50 5.59 25.82
C SER D 20 -12.70 4.08 25.96
N ILE D 21 -11.61 3.36 26.21
CA ILE D 21 -11.68 1.92 26.48
C ILE D 21 -11.10 1.64 27.87
N SER D 22 -11.85 0.89 28.67
CA SER D 22 -11.34 0.52 29.99
C SER D 22 -10.78 -0.89 29.97
N CYS D 23 -9.76 -1.10 30.78
CA CYS D 23 -9.11 -2.39 30.89
C CYS D 23 -8.90 -2.72 32.36
N ARG D 24 -9.44 -3.85 32.80
CA ARG D 24 -9.21 -4.28 34.16
C ARG D 24 -8.45 -5.60 34.19
N SER D 25 -7.45 -5.67 35.07
CA SER D 25 -6.68 -6.90 35.25
C SER D 25 -7.12 -7.62 36.52
N SER D 26 -7.03 -8.94 36.52
CA SER D 26 -7.50 -9.75 37.64
C SER D 26 -6.52 -9.74 38.82
N GLN D 27 -5.52 -8.88 38.74
CA GLN D 27 -4.44 -8.86 39.70
C GLN D 27 -3.55 -7.66 39.36
N SER D 28 -2.90 -7.08 40.36
CA SER D 28 -2.11 -5.86 40.13
C SER D 28 -1.02 -6.10 39.10
N LEU D 29 -0.68 -5.06 38.34
CA LEU D 29 0.24 -5.20 37.23
C LEU D 29 1.58 -4.56 37.50
N VAL D 30 1.77 -3.96 38.67
CA VAL D 30 3.07 -3.37 38.98
C VAL D 30 4.03 -4.51 39.34
N TYR D 31 5.25 -4.41 38.83
CA TYR D 31 6.25 -5.46 38.91
C TYR D 31 7.26 -5.12 40.02
N SER D 32 8.11 -6.09 40.36
CA SER D 32 9.09 -5.99 41.44
C SER D 32 9.94 -4.73 41.42
N ASN D 33 10.06 -4.08 40.27
CA ASN D 33 10.89 -2.88 40.17
C ASN D 33 10.06 -1.61 40.19
N GLY D 34 8.75 -1.76 40.42
CA GLY D 34 7.87 -0.61 40.52
C GLY D 34 7.23 -0.15 39.22
N ASP D 35 7.58 -0.80 38.11
CA ASP D 35 6.97 -0.44 36.83
C ASP D 35 5.74 -1.29 36.52
N THR D 36 4.91 -0.78 35.63
CA THR D 36 3.64 -1.41 35.32
C THR D 36 3.60 -1.78 33.83
N TYR D 37 3.61 -3.07 33.55
CA TYR D 37 3.74 -3.53 32.19
C TYR D 37 2.38 -3.81 31.59
N LEU D 38 1.66 -2.71 31.42
CA LEU D 38 0.36 -2.69 30.76
C LEU D 38 0.54 -2.01 29.40
N HIS D 39 0.10 -2.70 28.35
CA HIS D 39 0.30 -2.21 26.98
C HIS D 39 -1.02 -2.22 26.20
N TRP D 40 -1.13 -1.33 25.21
CA TRP D 40 -2.24 -1.37 24.26
C TRP D 40 -1.75 -1.72 22.86
N TYR D 41 -2.42 -2.66 22.21
CA TYR D 41 -2.10 -3.00 20.82
C TYR D 41 -3.27 -2.63 19.93
N LEU D 42 -2.98 -2.43 18.64
CA LEU D 42 -4.04 -2.16 17.67
C LEU D 42 -3.85 -3.07 16.47
N GLN D 43 -4.93 -3.72 16.07
CA GLN D 43 -4.92 -4.55 14.87
C GLN D 43 -5.86 -3.94 13.86
N LYS D 44 -5.28 -3.21 12.91
CA LYS D 44 -6.06 -2.62 11.82
C LYS D 44 -6.50 -3.73 10.86
N PRO D 45 -7.58 -3.49 10.09
CA PRO D 45 -8.06 -4.52 9.15
C PRO D 45 -6.98 -5.04 8.20
N GLY D 46 -6.79 -6.36 8.17
CA GLY D 46 -5.90 -6.99 7.22
C GLY D 46 -4.45 -6.99 7.66
N GLN D 47 -4.22 -6.47 8.87
CA GLN D 47 -2.88 -6.30 9.38
C GLN D 47 -2.64 -7.11 10.65
N SER D 48 -1.36 -7.24 11.01
CA SER D 48 -0.97 -7.81 12.30
C SER D 48 -1.21 -6.79 13.41
N PRO D 49 -1.23 -7.24 14.67
CA PRO D 49 -1.26 -6.28 15.77
C PRO D 49 -0.04 -5.34 15.74
N GLN D 50 -0.22 -4.11 16.18
CA GLN D 50 0.89 -3.17 16.30
C GLN D 50 0.86 -2.51 17.68
N LEU D 51 2.02 -2.20 18.22
CA LEU D 51 2.12 -1.55 19.52
C LEU D 51 1.71 -0.08 19.46
N LEU D 52 0.82 0.32 20.36
CA LEU D 52 0.32 1.68 20.42
C LEU D 52 0.86 2.41 21.64
N ILE D 53 0.58 1.82 22.81
CA ILE D 53 1.01 2.35 24.10
C ILE D 53 1.71 1.24 24.85
N TYR D 54 2.85 1.53 25.47
CA TYR D 54 3.52 0.53 26.29
C TYR D 54 3.71 1.08 27.70
N LYS D 55 3.60 0.19 28.68
CA LYS D 55 3.75 0.54 30.09
C LYS D 55 2.84 1.71 30.44
N VAL D 56 1.54 1.43 30.37
CA VAL D 56 0.46 2.35 30.74
C VAL D 56 0.32 3.61 29.86
N SER D 57 1.37 4.38 29.69
CA SER D 57 1.19 5.72 29.12
C SER D 57 2.22 6.16 28.08
N ASN D 58 3.12 5.28 27.68
CA ASN D 58 4.16 5.68 26.72
C ASN D 58 3.77 5.43 25.27
N ARG D 59 3.67 6.51 24.50
CA ARG D 59 3.35 6.39 23.09
C ARG D 59 4.51 5.71 22.37
N PHE D 60 4.20 4.63 21.66
CA PHE D 60 5.20 3.94 20.85
C PHE D 60 5.58 4.81 19.66
N SER D 61 6.74 4.52 19.08
CA SER D 61 7.24 5.23 17.90
C SER D 61 6.19 5.32 16.79
N GLY D 62 5.85 6.55 16.39
CA GLY D 62 4.93 6.76 15.30
C GLY D 62 3.51 7.05 15.74
N VAL D 63 3.24 6.83 17.03
CA VAL D 63 1.89 6.99 17.54
C VAL D 63 1.58 8.44 17.90
N PRO D 64 0.52 9.00 17.29
CA PRO D 64 0.09 10.40 17.51
C PRO D 64 -0.43 10.66 18.93
N ASP D 65 -0.53 11.94 19.29
CA ASP D 65 -0.93 12.36 20.62
C ASP D 65 -2.38 12.07 20.98
N ARG D 66 -3.20 11.80 19.97
CA ARG D 66 -4.61 11.61 20.26
C ARG D 66 -4.82 10.32 21.03
N PHE D 67 -3.81 9.43 20.97
CA PHE D 67 -3.80 8.23 21.79
C PHE D 67 -3.08 8.48 23.10
N SER D 68 -3.83 8.53 24.19
CA SER D 68 -3.21 8.61 25.51
C SER D 68 -3.67 7.46 26.40
N GLY D 69 -2.76 6.93 27.20
CA GLY D 69 -3.07 5.87 28.12
C GLY D 69 -2.86 6.31 29.56
N SER D 70 -3.72 5.83 30.45
CA SER D 70 -3.65 6.18 31.87
C SER D 70 -4.10 5.03 32.76
N GLY D 71 -3.99 5.21 34.07
CA GLY D 71 -4.43 4.20 35.01
C GLY D 71 -3.31 3.64 35.87
N SER D 72 -3.67 2.72 36.77
CA SER D 72 -2.72 2.10 37.68
C SER D 72 -3.28 0.85 38.36
N GLY D 73 -2.39 -0.04 38.77
CA GLY D 73 -2.77 -1.21 39.55
C GLY D 73 -3.51 -2.27 38.75
N THR D 74 -4.84 -2.18 38.75
CA THR D 74 -5.67 -3.11 37.99
C THR D 74 -6.67 -2.37 37.11
N ASP D 75 -6.61 -1.04 37.10
CA ASP D 75 -7.59 -0.26 36.34
C ASP D 75 -6.92 0.71 35.36
N PHE D 76 -7.17 0.52 34.07
CA PHE D 76 -6.48 1.27 33.03
C PHE D 76 -7.41 1.79 31.93
N THR D 77 -7.03 2.89 31.30
CA THR D 77 -7.85 3.50 30.27
C THR D 77 -7.06 3.99 29.07
N LEU D 78 -7.53 3.63 27.87
CA LEU D 78 -7.02 4.24 26.64
C LEU D 78 -8.01 5.30 26.18
N LYS D 79 -7.52 6.49 25.89
CA LYS D 79 -8.37 7.53 25.33
C LYS D 79 -7.90 7.92 23.94
N ILE D 80 -8.86 8.04 23.02
CA ILE D 80 -8.59 8.62 21.72
C ILE D 80 -9.36 9.93 21.67
N SER D 81 -8.63 11.04 21.63
CA SER D 81 -9.24 12.36 21.74
C SER D 81 -10.06 12.72 20.51
N ARG D 82 -9.54 12.38 19.33
CA ARG D 82 -10.24 12.62 18.08
C ARG D 82 -10.13 11.40 17.18
N VAL D 83 -11.17 10.58 17.17
CA VAL D 83 -11.10 9.35 16.39
C VAL D 83 -11.14 9.62 14.89
N GLU D 84 -10.04 9.27 14.22
CA GLU D 84 -9.93 9.44 12.78
C GLU D 84 -10.29 8.15 12.07
N ALA D 85 -10.61 8.25 10.79
CA ALA D 85 -11.02 7.09 9.99
C ALA D 85 -9.99 5.97 10.05
N GLU D 86 -8.72 6.36 9.97
CA GLU D 86 -7.63 5.38 9.97
C GLU D 86 -7.46 4.66 11.33
N ASP D 87 -8.09 5.20 12.38
CA ASP D 87 -8.01 4.58 13.71
C ASP D 87 -8.87 3.33 13.85
N VAL D 88 -9.68 3.04 12.84
CA VAL D 88 -10.60 1.90 12.91
C VAL D 88 -9.82 0.58 13.03
N GLY D 89 -10.36 -0.35 13.82
CA GLY D 89 -9.71 -1.64 14.06
C GLY D 89 -10.02 -2.17 15.45
N VAL D 90 -9.36 -3.24 15.85
CA VAL D 90 -9.59 -3.82 17.18
C VAL D 90 -8.45 -3.49 18.14
N TYR D 91 -8.83 -2.98 19.31
CA TYR D 91 -7.87 -2.59 20.34
C TYR D 91 -7.78 -3.64 21.44
N TYR D 92 -6.56 -4.06 21.76
CA TYR D 92 -6.33 -5.00 22.85
C TYR D 92 -5.48 -4.40 23.96
N CYS D 93 -5.91 -4.54 25.21
CA CYS D 93 -4.99 -4.28 26.30
C CYS D 93 -4.25 -5.58 26.63
N SER D 94 -3.07 -5.45 27.23
CA SER D 94 -2.21 -6.61 27.43
C SER D 94 -1.23 -6.41 28.60
N GLN D 95 -0.96 -7.49 29.34
CA GLN D 95 0.04 -7.40 30.40
C GLN D 95 1.20 -8.35 30.16
N SER D 96 2.38 -7.89 30.53
CA SER D 96 3.61 -8.67 30.43
C SER D 96 4.33 -8.69 31.77
N THR D 97 3.64 -8.18 32.80
CA THR D 97 4.18 -8.17 34.17
C THR D 97 4.54 -9.57 34.63
N HIS D 98 3.64 -10.52 34.37
CA HIS D 98 3.90 -11.90 34.72
C HIS D 98 3.63 -12.84 33.55
N VAL D 99 4.40 -13.93 33.53
CA VAL D 99 4.19 -15.02 32.60
C VAL D 99 2.98 -15.83 33.04
N PRO D 100 2.08 -16.15 32.10
CA PRO D 100 2.12 -15.84 30.67
C PRO D 100 1.58 -14.46 30.27
N TRP D 101 2.18 -13.93 29.21
CA TRP D 101 1.64 -12.81 28.44
C TRP D 101 0.16 -13.02 28.20
N THR D 102 -0.67 -12.02 28.49
CA THR D 102 -2.09 -12.19 28.25
C THR D 102 -2.70 -10.99 27.54
N PHE D 103 -3.89 -11.17 27.00
CA PHE D 103 -4.57 -10.15 26.20
C PHE D 103 -6.03 -10.03 26.58
N GLY D 104 -6.58 -8.83 26.44
CA GLY D 104 -8.01 -8.63 26.61
C GLY D 104 -8.76 -9.26 25.45
N GLN D 105 -10.09 -9.23 25.48
CA GLN D 105 -10.85 -9.87 24.43
C GLN D 105 -10.81 -9.04 23.15
N GLY D 106 -10.51 -7.75 23.30
CA GLY D 106 -10.41 -6.86 22.17
C GLY D 106 -11.63 -5.99 22.02
N THR D 107 -11.39 -4.71 21.73
CA THR D 107 -12.45 -3.74 21.51
C THR D 107 -12.47 -3.29 20.05
N LYS D 108 -13.59 -3.50 19.37
CA LYS D 108 -13.67 -3.11 17.96
C LYS D 108 -14.25 -1.71 17.82
N VAL D 109 -13.42 -0.76 17.46
CA VAL D 109 -13.89 0.60 17.23
C VAL D 109 -14.54 0.73 15.85
N GLU D 110 -15.75 1.26 15.83
CA GLU D 110 -16.44 1.52 14.57
C GLU D 110 -16.58 3.02 14.36
N ILE D 111 -16.35 3.47 13.13
CA ILE D 111 -16.51 4.88 12.80
C ILE D 111 -17.93 5.19 12.41
N LYS D 112 -18.61 6.03 13.20
CA LYS D 112 -20.00 6.41 12.87
C LYS D 112 -20.03 7.53 11.85
N ARG D 113 -19.85 7.18 10.58
CA ARG D 113 -19.89 8.16 9.52
C ARG D 113 -21.33 8.35 9.02
N THR D 114 -21.49 9.27 8.07
CA THR D 114 -22.81 9.51 7.52
C THR D 114 -23.27 8.32 6.70
N VAL D 115 -24.59 8.21 6.56
CA VAL D 115 -25.19 7.17 5.75
C VAL D 115 -24.63 7.24 4.32
N ALA D 116 -24.43 6.08 3.71
CA ALA D 116 -23.99 6.01 2.32
C ALA D 116 -24.67 4.83 1.66
N ALA D 117 -25.32 5.09 0.53
CA ALA D 117 -26.06 4.05 -0.17
C ALA D 117 -25.10 3.21 -0.99
N PRO D 118 -25.37 1.91 -1.07
CA PRO D 118 -24.47 1.06 -1.85
C PRO D 118 -24.69 1.19 -3.35
N SER D 119 -23.59 1.27 -4.10
CA SER D 119 -23.62 1.02 -5.52
C SER D 119 -23.76 -0.48 -5.75
N VAL D 120 -24.68 -0.88 -6.62
CA VAL D 120 -24.99 -2.28 -6.76
C VAL D 120 -24.73 -2.77 -8.17
N PHE D 121 -24.02 -3.90 -8.28
CA PHE D 121 -23.68 -4.51 -9.57
C PHE D 121 -23.98 -6.00 -9.55
N ILE D 122 -24.48 -6.53 -10.66
CA ILE D 122 -24.71 -7.96 -10.76
C ILE D 122 -23.84 -8.53 -11.87
N PHE D 123 -23.28 -9.71 -11.64
CA PHE D 123 -22.42 -10.36 -12.64
C PHE D 123 -22.94 -11.74 -12.97
N PRO D 124 -23.18 -12.00 -14.25
CA PRO D 124 -23.55 -13.36 -14.67
C PRO D 124 -22.35 -14.28 -14.54
N PRO D 125 -22.58 -15.59 -14.55
CA PRO D 125 -21.40 -16.47 -14.57
C PRO D 125 -20.71 -16.39 -15.92
N SER D 126 -19.39 -16.53 -15.92
CA SER D 126 -18.61 -16.57 -17.14
C SER D 126 -18.97 -17.81 -17.94
N ASP D 127 -18.83 -17.72 -19.26
CA ASP D 127 -19.01 -18.89 -20.11
C ASP D 127 -18.02 -19.97 -19.68
N GLU D 128 -16.83 -19.53 -19.28
CA GLU D 128 -15.78 -20.43 -18.86
C GLU D 128 -16.20 -21.32 -17.67
N GLN D 129 -16.74 -20.72 -16.62
CA GLN D 129 -17.17 -21.49 -15.47
C GLN D 129 -18.31 -22.45 -15.84
N LEU D 130 -19.13 -22.05 -16.81
CA LEU D 130 -20.28 -22.85 -17.18
C LEU D 130 -19.90 -24.17 -17.84
N LYS D 131 -18.68 -24.26 -18.36
CA LYS D 131 -18.16 -25.52 -18.87
C LYS D 131 -17.85 -26.49 -17.74
N SER D 132 -17.64 -25.96 -16.54
CA SER D 132 -17.27 -26.79 -15.40
C SER D 132 -18.46 -27.49 -14.75
N GLY D 133 -19.67 -27.01 -15.05
CA GLY D 133 -20.87 -27.61 -14.52
C GLY D 133 -21.59 -26.77 -13.47
N THR D 134 -20.91 -25.76 -12.94
CA THR D 134 -21.51 -24.88 -11.94
C THR D 134 -21.61 -23.44 -12.44
N ALA D 135 -22.66 -22.74 -12.03
CA ALA D 135 -22.82 -21.33 -12.36
C ALA D 135 -22.85 -20.47 -11.10
N SER D 136 -21.86 -19.58 -10.97
CA SER D 136 -21.87 -18.62 -9.88
C SER D 136 -22.36 -17.25 -10.38
N VAL D 137 -23.39 -16.72 -9.74
CA VAL D 137 -23.89 -15.38 -10.01
C VAL D 137 -23.46 -14.50 -8.85
N VAL D 138 -23.00 -13.29 -9.13
CA VAL D 138 -22.44 -12.46 -8.08
C VAL D 138 -23.08 -11.09 -8.00
N CYS D 139 -23.38 -10.67 -6.79
CA CYS D 139 -23.93 -9.35 -6.59
C CYS D 139 -23.04 -8.55 -5.65
N LEU D 140 -22.68 -7.35 -6.07
CA LEU D 140 -21.77 -6.48 -5.32
C LEU D 140 -22.51 -5.27 -4.78
N LEU D 141 -22.39 -5.08 -3.47
CA LEU D 141 -22.81 -3.85 -2.80
C LEU D 141 -21.53 -3.10 -2.41
N ASN D 142 -21.31 -1.93 -3.00
CA ASN D 142 -20.02 -1.28 -2.83
C ASN D 142 -20.06 0.06 -2.09
N ASN D 143 -19.16 0.19 -1.12
CA ASN D 143 -18.93 1.43 -0.37
C ASN D 143 -20.20 2.03 0.23
N PHE D 144 -20.81 1.29 1.15
CA PHE D 144 -22.01 1.76 1.85
C PHE D 144 -21.79 1.83 3.35
N TYR D 145 -22.73 2.46 4.03
CA TYR D 145 -22.75 2.57 5.49
C TYR D 145 -24.16 2.94 5.94
N PRO D 146 -24.66 2.32 7.03
CA PRO D 146 -24.02 1.33 7.91
C PRO D 146 -23.98 -0.08 7.29
N ARG D 147 -23.46 -1.04 8.04
CA ARG D 147 -23.19 -2.36 7.51
C ARG D 147 -24.46 -3.16 7.24
N GLU D 148 -25.53 -2.87 7.97
CA GLU D 148 -26.76 -3.64 7.82
C GLU D 148 -27.35 -3.41 6.43
N ALA D 149 -27.57 -4.51 5.74
CA ALA D 149 -28.13 -4.49 4.41
C ALA D 149 -28.76 -5.84 4.15
N LYS D 150 -29.80 -5.86 3.31
CA LYS D 150 -30.44 -7.11 2.94
C LYS D 150 -30.30 -7.37 1.44
N VAL D 151 -29.82 -8.55 1.10
CA VAL D 151 -29.74 -8.95 -0.28
C VAL D 151 -30.66 -10.14 -0.54
N GLN D 152 -31.57 -9.99 -1.49
CA GLN D 152 -32.43 -11.09 -1.87
C GLN D 152 -32.24 -11.42 -3.34
N TRP D 153 -32.13 -12.72 -3.64
CA TRP D 153 -32.00 -13.18 -5.01
C TRP D 153 -33.36 -13.61 -5.58
N LYS D 154 -33.66 -13.17 -6.80
CA LYS D 154 -34.87 -13.59 -7.48
C LYS D 154 -34.53 -14.20 -8.84
N VAL D 155 -35.04 -15.39 -9.07
CA VAL D 155 -34.83 -16.07 -10.35
C VAL D 155 -36.18 -16.36 -11.00
N ASP D 156 -36.43 -15.67 -12.11
CA ASP D 156 -37.75 -15.68 -12.74
C ASP D 156 -38.80 -15.25 -11.71
N ASN D 157 -38.39 -14.32 -10.86
CA ASN D 157 -39.19 -13.72 -9.79
C ASN D 157 -39.50 -14.68 -8.64
N ALA D 158 -38.93 -15.88 -8.69
CA ALA D 158 -38.94 -16.76 -7.54
C ALA D 158 -37.84 -16.37 -6.55
N LEU D 159 -38.24 -15.96 -5.35
CA LEU D 159 -37.30 -15.65 -4.28
C LEU D 159 -36.43 -16.85 -3.92
N GLN D 160 -35.13 -16.64 -3.84
CA GLN D 160 -34.21 -17.72 -3.53
C GLN D 160 -33.93 -17.82 -2.03
N SER D 161 -33.47 -18.99 -1.61
CA SER D 161 -33.18 -19.24 -0.21
C SER D 161 -32.27 -20.46 -0.08
N GLY D 162 -31.23 -20.35 0.74
CA GLY D 162 -30.34 -21.47 1.01
C GLY D 162 -29.31 -21.81 -0.05
N ASN D 163 -29.10 -20.92 -1.01
CA ASN D 163 -28.12 -21.18 -2.06
C ASN D 163 -27.21 -19.97 -2.33
N SER D 164 -27.06 -19.12 -1.32
CA SER D 164 -26.24 -17.92 -1.45
C SER D 164 -25.43 -17.65 -0.18
N GLN D 165 -24.15 -17.35 -0.35
CA GLN D 165 -23.30 -16.92 0.76
C GLN D 165 -22.89 -15.45 0.62
N GLU D 166 -22.76 -14.79 1.76
CA GLU D 166 -22.34 -13.40 1.78
C GLU D 166 -20.96 -13.25 2.37
N SER D 167 -20.24 -12.22 1.92
CA SER D 167 -18.99 -11.82 2.53
C SER D 167 -19.02 -10.30 2.67
N VAL D 168 -18.64 -9.81 3.84
CA VAL D 168 -18.54 -8.37 4.04
C VAL D 168 -17.08 -8.04 4.35
N THR D 169 -16.60 -6.91 3.85
CA THR D 169 -15.26 -6.44 4.20
C THR D 169 -15.28 -5.79 5.57
N GLU D 170 -14.10 -5.51 6.11
CA GLU D 170 -14.01 -4.73 7.34
C GLU D 170 -14.22 -3.26 6.98
N GLN D 171 -14.49 -2.44 7.97
CA GLN D 171 -14.69 -1.02 7.70
C GLN D 171 -13.42 -0.41 7.11
N ASP D 172 -13.61 0.33 6.02
CA ASP D 172 -12.52 0.96 5.29
C ASP D 172 -11.79 2.04 6.11
N SER D 173 -10.48 1.93 6.19
CA SER D 173 -9.69 2.86 6.98
C SER D 173 -9.60 4.24 6.35
N LYS D 174 -10.08 4.37 5.11
CA LYS D 174 -10.05 5.65 4.41
C LYS D 174 -11.41 6.36 4.37
N ASP D 175 -12.47 5.66 3.96
CA ASP D 175 -13.80 6.29 3.87
C ASP D 175 -14.84 5.73 4.85
N SER D 176 -14.41 4.81 5.70
CA SER D 176 -15.28 4.23 6.74
C SER D 176 -16.53 3.52 6.21
N THR D 177 -16.49 3.01 4.98
CA THR D 177 -17.62 2.24 4.45
C THR D 177 -17.37 0.74 4.48
N TYR D 178 -18.40 -0.01 4.10
CA TYR D 178 -18.28 -1.45 3.94
C TYR D 178 -18.56 -1.81 2.48
N SER D 179 -18.27 -3.05 2.14
CA SER D 179 -18.71 -3.59 0.86
C SER D 179 -19.07 -5.04 1.06
N LEU D 180 -19.96 -5.56 0.22
CA LEU D 180 -20.51 -6.88 0.43
C LEU D 180 -20.67 -7.62 -0.89
N SER D 181 -20.24 -8.87 -0.90
CA SER D 181 -20.54 -9.75 -2.03
C SER D 181 -21.58 -10.78 -1.62
N SER D 182 -22.60 -10.95 -2.46
CA SER D 182 -23.51 -12.07 -2.30
C SER D 182 -23.41 -12.96 -3.55
N THR D 183 -23.26 -14.26 -3.33
CA THR D 183 -22.90 -15.17 -4.40
C THR D 183 -23.92 -16.31 -4.49
N LEU D 184 -24.66 -16.31 -5.59
CA LEU D 184 -25.71 -17.29 -5.81
C LEU D 184 -25.16 -18.49 -6.56
N THR D 185 -25.12 -19.65 -5.90
CA THR D 185 -24.56 -20.82 -6.55
C THR D 185 -25.65 -21.80 -6.96
N LEU D 186 -25.59 -22.25 -8.21
CA LEU D 186 -26.49 -23.33 -8.67
C LEU D 186 -25.92 -24.10 -9.84
N SER D 187 -26.58 -25.22 -10.14
CA SER D 187 -26.17 -26.14 -11.19
C SER D 187 -26.21 -25.47 -12.55
N LYS D 188 -25.37 -25.94 -13.48
CA LYS D 188 -25.43 -25.45 -14.85
C LYS D 188 -26.82 -25.64 -15.42
N ALA D 189 -27.29 -26.89 -15.42
CA ALA D 189 -28.62 -27.23 -15.93
C ALA D 189 -29.70 -26.40 -15.26
N ASP D 190 -29.58 -26.23 -13.95
CA ASP D 190 -30.44 -25.34 -13.20
C ASP D 190 -30.40 -23.92 -13.77
N TYR D 191 -29.19 -23.44 -14.06
CA TYR D 191 -29.00 -22.07 -14.56
C TYR D 191 -29.61 -21.87 -15.93
N GLU D 192 -29.62 -22.92 -16.74
CA GLU D 192 -30.05 -22.81 -18.12
C GLU D 192 -31.56 -22.79 -18.27
N LYS D 193 -32.27 -23.34 -17.29
CA LYS D 193 -33.72 -23.43 -17.40
C LYS D 193 -34.42 -22.19 -16.84
N HIS D 194 -33.65 -21.14 -16.56
CA HIS D 194 -34.25 -19.88 -16.14
C HIS D 194 -33.68 -18.74 -16.93
N LYS D 195 -34.39 -17.61 -16.98
CA LYS D 195 -33.94 -16.51 -17.83
C LYS D 195 -33.58 -15.26 -17.06
N VAL D 196 -34.40 -14.88 -16.09
CA VAL D 196 -34.20 -13.60 -15.40
C VAL D 196 -33.52 -13.76 -14.04
N TYR D 197 -32.30 -13.22 -13.95
CA TYR D 197 -31.56 -13.28 -12.70
C TYR D 197 -31.40 -11.89 -12.15
N ALA D 198 -31.73 -11.74 -10.87
CA ALA D 198 -31.95 -10.44 -10.29
C ALA D 198 -31.48 -10.42 -8.87
N CYS D 199 -30.95 -9.26 -8.48
CA CYS D 199 -30.40 -9.08 -7.16
C CYS D 199 -31.13 -7.89 -6.57
N GLU D 200 -31.67 -8.04 -5.37
CA GLU D 200 -32.45 -6.96 -4.79
C GLU D 200 -31.87 -6.53 -3.47
N VAL D 201 -31.58 -5.24 -3.37
CA VAL D 201 -30.86 -4.72 -2.23
C VAL D 201 -31.65 -3.70 -1.43
N THR D 202 -31.78 -3.97 -0.15
CA THR D 202 -32.41 -3.04 0.77
C THR D 202 -31.37 -2.44 1.70
N HIS D 203 -31.31 -1.11 1.77
CA HIS D 203 -30.36 -0.45 2.66
C HIS D 203 -30.86 0.93 3.10
N GLN D 204 -30.53 1.29 4.33
CA GLN D 204 -31.01 2.53 4.95
C GLN D 204 -30.76 3.79 4.12
N GLY D 205 -29.84 3.69 3.15
CA GLY D 205 -29.51 4.82 2.31
C GLY D 205 -30.27 4.80 1.01
N LEU D 206 -31.11 3.79 0.86
CA LEU D 206 -31.97 3.69 -0.31
C LEU D 206 -33.42 3.96 0.09
N SER D 207 -33.99 5.02 -0.46
CA SER D 207 -35.39 5.37 -0.20
C SER D 207 -36.30 4.19 -0.54
N SER D 208 -35.94 3.49 -1.60
CA SER D 208 -36.65 2.30 -2.03
C SER D 208 -35.63 1.26 -2.51
N PRO D 209 -35.89 -0.03 -2.21
CA PRO D 209 -35.02 -1.15 -2.60
C PRO D 209 -34.54 -1.04 -4.04
N VAL D 210 -33.28 -1.39 -4.29
CA VAL D 210 -32.72 -1.29 -5.63
C VAL D 210 -32.52 -2.67 -6.22
N THR D 211 -32.86 -2.83 -7.49
CA THR D 211 -32.68 -4.10 -8.16
C THR D 211 -31.76 -3.94 -9.37
N LYS D 212 -30.70 -4.74 -9.42
CA LYS D 212 -29.97 -4.94 -10.67
C LYS D 212 -30.32 -6.35 -11.14
N SER D 213 -30.34 -6.53 -12.44
CA SER D 213 -30.70 -7.82 -13.00
C SER D 213 -30.15 -7.97 -14.40
N PHE D 214 -30.09 -9.21 -14.85
CA PHE D 214 -29.69 -9.47 -16.23
C PHE D 214 -30.48 -10.66 -16.70
N ASN D 215 -30.62 -10.79 -18.01
CA ASN D 215 -31.28 -11.96 -18.58
C ASN D 215 -30.24 -12.86 -19.23
N ARG D 216 -30.31 -14.15 -18.92
CA ARG D 216 -29.31 -15.11 -19.38
C ARG D 216 -29.16 -15.10 -20.89
N GLY D 217 -28.00 -14.64 -21.35
CA GLY D 217 -27.67 -14.63 -22.76
C GLY D 217 -28.22 -13.44 -23.52
N GLU D 218 -27.91 -12.22 -23.05
CA GLU D 218 -28.37 -11.03 -23.74
C GLU D 218 -27.25 -9.98 -23.92
N CYS D 219 -26.84 -9.36 -22.82
CA CYS D 219 -25.78 -8.33 -22.79
C CYS D 219 -26.19 -7.04 -23.52
#